data_1G8N
# 
_entry.id   1G8N 
# 
_audit_conform.dict_name       mmcif_pdbx.dic 
_audit_conform.dict_version    5.376 
_audit_conform.dict_location   http://mmcif.pdb.org/dictionaries/ascii/mmcif_pdbx.dic 
# 
loop_
_database_2.database_id 
_database_2.database_code 
_database_2.pdbx_database_accession 
_database_2.pdbx_DOI 
PDB   1G8N         pdb_00001g8n 10.2210/pdb1g8n/pdb 
NDB   BD0044       ?            ?                   
RCSB  RCSB012370   ?            ?                   
WWPDB D_1000012370 ?            ?                   
# 
loop_
_pdbx_database_related.db_name 
_pdbx_database_related.db_id 
_pdbx_database_related.details 
_pdbx_database_related.content_type 
NDB BD0043 'BD0043 contains the same DNA under different crystallization conditions.' unspecified 
NDB BD0045 'BD0045 contains the same DNA under different crystallization conditions.' unspecified 
NDB BD0046 'BD0046 contains the same DNA under different crystallization conditions.' unspecified 
# 
_pdbx_database_status.status_code                     REL 
_pdbx_database_status.entry_id                        1G8N 
_pdbx_database_status.recvd_initial_deposition_date   2000-11-20 
_pdbx_database_status.deposit_site                    RCSB 
_pdbx_database_status.process_site                    RCSB 
_pdbx_database_status.SG_entry                        . 
_pdbx_database_status.pdb_format_compatible           Y 
_pdbx_database_status.status_code_mr                  ? 
_pdbx_database_status.status_code_sf                  ? 
_pdbx_database_status.status_code_cs                  ? 
_pdbx_database_status.status_code_nmr_data            ? 
_pdbx_database_status.methods_development_category    ? 
# 
loop_
_audit_author.name 
_audit_author.pdbx_ordinal 
'Tsunoda, M.'  1 
'Karino, N.'   2 
'Ueno, Y.'     3 
'Matsuda, A.'  4 
'Takenaka, A.' 5 
# 
_citation.id                        primary 
_citation.title                     
;Crystallization and preliminary X-ray analysis of a DNA dodecamer containing 2'-deoxy-5-formyluridine; what is the role of magnesium cation in crystallization of Dickerson-type DNA dodecamers?
;
_citation.journal_abbrev            'Acta Crystallogr.,Sect.D' 
_citation.journal_volume            57 
_citation.page_first                345 
_citation.page_last                 348 
_citation.year                      2001 
_citation.journal_id_ASTM           ABCRE6 
_citation.country                   DK 
_citation.journal_id_ISSN           0907-4449 
_citation.journal_id_CSD            0766 
_citation.book_publisher            ? 
_citation.pdbx_database_id_PubMed   11173500 
_citation.pdbx_database_id_DOI      10.1107/S0907444900017583 
# 
loop_
_citation_author.citation_id 
_citation_author.name 
_citation_author.ordinal 
_citation_author.identifier_ORCID 
primary 'Tsunoda, M.'  1 ? 
primary 'Karino, N.'   2 ? 
primary 'Ueno, Y.'     3 ? 
primary 'Matsuda, A.'  4 ? 
primary 'Takenaka, A.' 5 ? 
# 
_cell.entry_id           1G8N 
_cell.length_a           26.000 
_cell.length_b           39.500 
_cell.length_c           65.700 
_cell.angle_alpha        90.00 
_cell.angle_beta         90.00 
_cell.angle_gamma        90.00 
_cell.Z_PDB              8 
_cell.pdbx_unique_axis   ? 
# 
_symmetry.entry_id                         1G8N 
_symmetry.space_group_name_H-M             'P 21 21 21' 
_symmetry.pdbx_full_space_group_name_H-M   ? 
_symmetry.cell_setting                     ? 
_symmetry.Int_Tables_number                19 
# 
loop_
_entity.id 
_entity.type 
_entity.src_method 
_entity.pdbx_description 
_entity.formula_weight 
_entity.pdbx_number_of_molecules 
_entity.pdbx_ec 
_entity.pdbx_mutation 
_entity.pdbx_fragment 
_entity.details 
1 polymer     syn "5'-D(*CP*GP*CP*GP*AP*AP*TP*(UFR)P*CP*GP*CP*G)-3'" 3677.376 2   ? ? ? ? 
2 non-polymer syn 'MAGNESIUM ION'                                    24.305   1   ? ? ? ? 
3 water       nat water                                              18.015   185 ? ? ? ? 
# 
_entity_poly.entity_id                      1 
_entity_poly.type                           polydeoxyribonucleotide 
_entity_poly.nstd_linkage                   no 
_entity_poly.nstd_monomer                   yes 
_entity_poly.pdbx_seq_one_letter_code       '(DC)(DG)(DC)(DG)(DA)(DA)(DT)(UFR)(DC)(DG)(DC)(DG)' 
_entity_poly.pdbx_seq_one_letter_code_can   CGCGAATUCGCG 
_entity_poly.pdbx_strand_id                 A,B 
_entity_poly.pdbx_target_identifier         ? 
# 
loop_
_entity_poly_seq.entity_id 
_entity_poly_seq.num 
_entity_poly_seq.mon_id 
_entity_poly_seq.hetero 
1 1  DC  n 
1 2  DG  n 
1 3  DC  n 
1 4  DG  n 
1 5  DA  n 
1 6  DA  n 
1 7  DT  n 
1 8  UFR n 
1 9  DC  n 
1 10 DG  n 
1 11 DC  n 
1 12 DG  n 
# 
_struct_ref.id                         1 
_struct_ref.entity_id                  1 
_struct_ref.db_name                    PDB 
_struct_ref.db_code                    1G8N 
_struct_ref.pdbx_db_accession          1G8N 
_struct_ref.pdbx_db_isoform            ? 
_struct_ref.pdbx_seq_one_letter_code   ? 
_struct_ref.pdbx_align_begin           ? 
# 
loop_
_struct_ref_seq.align_id 
_struct_ref_seq.ref_id 
_struct_ref_seq.pdbx_PDB_id_code 
_struct_ref_seq.pdbx_strand_id 
_struct_ref_seq.seq_align_beg 
_struct_ref_seq.pdbx_seq_align_beg_ins_code 
_struct_ref_seq.seq_align_end 
_struct_ref_seq.pdbx_seq_align_end_ins_code 
_struct_ref_seq.pdbx_db_accession 
_struct_ref_seq.db_align_beg 
_struct_ref_seq.pdbx_db_align_beg_ins_code 
_struct_ref_seq.db_align_end 
_struct_ref_seq.pdbx_db_align_end_ins_code 
_struct_ref_seq.pdbx_auth_seq_align_beg 
_struct_ref_seq.pdbx_auth_seq_align_end 
1 1 1G8N A 1 ? 12 ? 1G8N 1  ? 12 ? 1  12 
2 1 1G8N B 1 ? 12 ? 1G8N 13 ? 24 ? 13 24 
# 
loop_
_chem_comp.id 
_chem_comp.type 
_chem_comp.mon_nstd_flag 
_chem_comp.name 
_chem_comp.pdbx_synonyms 
_chem_comp.formula 
_chem_comp.formula_weight 
DA  'DNA linking' y "2'-DEOXYADENOSINE-5'-MONOPHOSPHATE"                 ? 'C10 H14 N5 O6 P' 331.222 
DC  'DNA linking' y "2'-DEOXYCYTIDINE-5'-MONOPHOSPHATE"                  ? 'C9 H14 N3 O7 P'  307.197 
DG  'DNA linking' y "2'-DEOXYGUANOSINE-5'-MONOPHOSPHATE"                 ? 'C10 H14 N5 O7 P' 347.221 
DT  'DNA linking' y "THYMIDINE-5'-MONOPHOSPHATE"                         ? 'C10 H15 N2 O8 P' 322.208 
HOH non-polymer   . WATER                                                ? 'H2 O'            18.015  
MG  non-polymer   . 'MAGNESIUM ION'                                      ? 'Mg 2'            24.305  
UFR 'DNA linking' n 
;2'-DEOXY-5-FORMYLURIDINE 5'-(DIHYDROGEN PHOSPHATE)
;
? 'C10 H13 N2 O9 P' 336.192 
# 
_exptl.entry_id          1G8N 
_exptl.method            'X-RAY DIFFRACTION' 
_exptl.crystals_number   1 
# 
_exptl_crystal.id                    1 
_exptl_crystal.density_meas          ? 
_exptl_crystal.density_Matthews      2.20 
_exptl_crystal.density_percent_sol   44.21 
_exptl_crystal.description           ? 
# 
_exptl_crystal_grow.crystal_id      1 
_exptl_crystal_grow.method          'VAPOR DIFFUSION, SITTING DROP' 
_exptl_crystal_grow.temp            277 
_exptl_crystal_grow.temp_details    ? 
_exptl_crystal_grow.pH              6.0 
_exptl_crystal_grow.pdbx_details    
'MPD, spermine, magnesium chloride, sodium chloride, cacodylate, pH 6.0, VAPOR DIFFUSION, SITTING DROP, temperature 277K' 
_exptl_crystal_grow.pdbx_pH_range   ? 
# 
loop_
_exptl_crystal_grow_comp.crystal_id 
_exptl_crystal_grow_comp.id 
_exptl_crystal_grow_comp.sol_id 
_exptl_crystal_grow_comp.name 
_exptl_crystal_grow_comp.volume 
_exptl_crystal_grow_comp.conc 
_exptl_crystal_grow_comp.details 
1 1 1 MPD        ? ? ? 
1 2 1 spermine   ? ? ? 
1 3 1 MgCl2      ? ? ? 
1 4 1 NaCl       ? ? ? 
1 5 1 cacodylate ? ? ? 
1 6 2 MPD        ? ? ? 
# 
_diffrn.id                     1 
_diffrn.ambient_temp           100 
_diffrn.ambient_temp_details   ? 
_diffrn.crystal_id             1 
# 
_diffrn_detector.diffrn_id              1 
_diffrn_detector.detector               DIFFRACTOMETER 
_diffrn_detector.type                   WEISSENBERG 
_diffrn_detector.pdbx_collection_date   2000-06-10 
_diffrn_detector.details                ? 
# 
_diffrn_radiation.diffrn_id                        1 
_diffrn_radiation.wavelength_id                    1 
_diffrn_radiation.pdbx_monochromatic_or_laue_m_l   M 
_diffrn_radiation.monochromator                    ? 
_diffrn_radiation.pdbx_diffrn_protocol             'SINGLE WAVELENGTH' 
_diffrn_radiation.pdbx_scattering_type             x-ray 
# 
_diffrn_radiation_wavelength.id           1 
_diffrn_radiation_wavelength.wavelength   0.9 
_diffrn_radiation_wavelength.wt           1.0 
# 
_diffrn_source.diffrn_id                   1 
_diffrn_source.source                      SYNCHROTRON 
_diffrn_source.type                        'PHOTON FACTORY BEAMLINE BL-6B' 
_diffrn_source.pdbx_synchrotron_site       'Photon Factory' 
_diffrn_source.pdbx_synchrotron_beamline   BL-6B 
_diffrn_source.pdbx_wavelength             ? 
_diffrn_source.pdbx_wavelength_list        0.9 
# 
_reflns.entry_id                     1G8N 
_reflns.observed_criterion_sigma_I   -3 
_reflns.observed_criterion_sigma_F   ? 
_reflns.d_resolution_low             50 
_reflns.d_resolution_high            1.5 
_reflns.number_obs                   10301 
_reflns.number_all                   88610 
_reflns.percent_possible_obs         99.8 
_reflns.pdbx_Rmerge_I_obs            0.048 
_reflns.pdbx_Rsym_value              ? 
_reflns.pdbx_netI_over_sigmaI        ? 
_reflns.B_iso_Wilson_estimate        ? 
_reflns.pdbx_redundancy              8.60 
_reflns.R_free_details               ? 
_reflns.pdbx_diffrn_id               1 
_reflns.pdbx_ordinal                 1 
# 
_reflns_shell.d_res_high             1.55 
_reflns_shell.d_res_low              1.61 
_reflns_shell.percent_possible_all   97.2 
_reflns_shell.Rmerge_I_obs           0.228 
_reflns_shell.pdbx_Rsym_value        ? 
_reflns_shell.meanI_over_sigI_obs    ? 
_reflns_shell.pdbx_redundancy        ? 
_reflns_shell.percent_possible_obs   ? 
_reflns_shell.number_unique_all      ? 
_reflns_shell.pdbx_diffrn_id         ? 
_reflns_shell.pdbx_ordinal           1 
# 
_refine.entry_id                                 1G8N 
_refine.ls_number_reflns_obs                     ? 
_refine.ls_number_reflns_all                     9956 
_refine.pdbx_ls_sigma_I                          ? 
_refine.pdbx_ls_sigma_F                          0 
_refine.pdbx_data_cutoff_high_absF               ? 
_refine.pdbx_data_cutoff_low_absF                ? 
_refine.ls_d_res_low                             50 
_refine.ls_d_res_high                            1.55 
_refine.ls_percent_reflns_obs                    ? 
_refine.ls_R_factor_obs                          ? 
_refine.ls_R_factor_all                          ? 
_refine.ls_R_factor_R_work                       0.207 
_refine.ls_R_factor_R_free                       0.232 
_refine.ls_R_factor_R_free_error                 ? 
_refine.ls_R_factor_R_free_error_details         ? 
_refine.ls_percent_reflns_R_free                 ? 
_refine.ls_number_reflns_R_free                  1026 
_refine.ls_number_parameters                     ? 
_refine.ls_number_restraints                     ? 
_refine.occupancy_min                            ? 
_refine.occupancy_max                            ? 
_refine.B_iso_mean                               ? 
_refine.aniso_B[1][1]                            ? 
_refine.aniso_B[2][2]                            ? 
_refine.aniso_B[3][3]                            ? 
_refine.aniso_B[1][2]                            ? 
_refine.aniso_B[1][3]                            ? 
_refine.aniso_B[2][3]                            ? 
_refine.solvent_model_details                    ? 
_refine.solvent_model_param_ksol                 ? 
_refine.solvent_model_param_bsol                 ? 
_refine.pdbx_ls_cross_valid_method               THROUGHOUT 
_refine.details                                  ? 
_refine.pdbx_starting_model                      'PDB ENTRY 355D' 
_refine.pdbx_method_to_determine_struct          'MOLECULAR REPLACEMENT' 
_refine.pdbx_isotropic_thermal_model             ? 
_refine.pdbx_stereochemistry_target_values       ? 
_refine.pdbx_stereochem_target_val_spec_case     ? 
_refine.pdbx_R_Free_selection_details            RANDOM 
_refine.pdbx_overall_ESU_R_Free                  ? 
_refine.overall_SU_B                             ? 
_refine.ls_redundancy_reflns_obs                 ? 
_refine.overall_SU_ML                            ? 
_refine.pdbx_overall_ESU_R                       ? 
_refine.pdbx_data_cutoff_high_rms_absF           ? 
_refine.correlation_coeff_Fo_to_Fc               ? 
_refine.correlation_coeff_Fo_to_Fc_free          ? 
_refine.overall_SU_R_Cruickshank_DPI             ? 
_refine.overall_SU_R_free                        ? 
_refine.pdbx_refine_id                           'X-RAY DIFFRACTION' 
_refine.pdbx_diffrn_id                           1 
_refine.pdbx_TLS_residual_ADP_flag               ? 
_refine.pdbx_solvent_vdw_probe_radii             ? 
_refine.pdbx_solvent_ion_probe_radii             ? 
_refine.pdbx_solvent_shrinkage_radii             ? 
_refine.pdbx_overall_phase_error                 ? 
_refine.pdbx_overall_SU_R_free_Cruickshank_DPI   ? 
_refine.pdbx_overall_SU_R_Blow_DPI               ? 
_refine.pdbx_overall_SU_R_free_Blow_DPI          ? 
# 
_refine_analyze.entry_id                        1G8N 
_refine_analyze.Luzzati_coordinate_error_obs    0.20 
_refine_analyze.Luzzati_sigma_a_obs             0.20 
_refine_analyze.Luzzati_d_res_low_obs           5.00 
_refine_analyze.Luzzati_coordinate_error_free   0.23 
_refine_analyze.Luzzati_sigma_a_free            0.20 
_refine_analyze.Luzzati_d_res_low_free          ? 
_refine_analyze.number_disordered_residues      ? 
_refine_analyze.occupancy_sum_hydrogen          ? 
_refine_analyze.occupancy_sum_non_hydrogen      ? 
_refine_analyze.pdbx_refine_id                  'X-RAY DIFFRACTION' 
# 
_refine_hist.pdbx_refine_id                   'X-RAY DIFFRACTION' 
_refine_hist.cycle_id                         LAST 
_refine_hist.pdbx_number_atoms_protein        0 
_refine_hist.pdbx_number_atoms_nucleic_acid   484 
_refine_hist.pdbx_number_atoms_ligand         12 
_refine_hist.number_atoms_solvent             179 
_refine_hist.number_atoms_total               675 
_refine_hist.d_res_high                       1.55 
_refine_hist.d_res_low                        50 
# 
loop_
_refine_ls_restr.type 
_refine_ls_restr.dev_ideal 
_refine_ls_restr.dev_ideal_target 
_refine_ls_restr.weight 
_refine_ls_restr.number 
_refine_ls_restr.pdbx_refine_id 
_refine_ls_restr.pdbx_restraint_function 
c_bond_d           0.003 ? ? ? 'X-RAY DIFFRACTION' ? 
c_angle_deg        0.8   ? ? ? 'X-RAY DIFFRACTION' ? 
c_dihedral_angle_d 21.6  ? ? ? 'X-RAY DIFFRACTION' ? 
c_improper_angle_d 1.30  ? ? ? 'X-RAY DIFFRACTION' ? 
# 
_refine_ls_shell.pdbx_total_number_of_bins_used   ? 
_refine_ls_shell.d_res_high                       1.55 
_refine_ls_shell.d_res_low                        1.65 
_refine_ls_shell.number_reflns_R_work             ? 
_refine_ls_shell.R_factor_R_work                  0.36 
_refine_ls_shell.percent_reflns_obs               ? 
_refine_ls_shell.R_factor_R_free                  0.363 
_refine_ls_shell.R_factor_R_free_error            0.030 
_refine_ls_shell.percent_reflns_R_free            ? 
_refine_ls_shell.number_reflns_R_free             143 
_refine_ls_shell.redundancy_reflns_obs            ? 
_refine_ls_shell.pdbx_refine_id                   'X-RAY DIFFRACTION' 
_refine_ls_shell.number_reflns_all                ? 
_refine_ls_shell.R_factor_all                     ? 
# 
_struct.entry_id                  1G8N 
_struct.title                     
'MOLECULAR AND CRYSTAL STRUCTURE OF D(CGCGAATF5UCGCG):5-FORMYLURIDINE/ ADENOSINE BASE-PAIRS IN B-DNA' 
_struct.pdbx_model_details        ? 
_struct.pdbx_CASP_flag            ? 
_struct.pdbx_model_type_details   ? 
# 
_struct_keywords.entry_id        1G8N 
_struct_keywords.pdbx_keywords   DNA 
_struct_keywords.text            'MODIFIED NUCLEOTIDE, FORMYLURIDINE, DNA DAMAGE, B-DNA, DOUBLE HELIX, DEOXYRIBONUCLEIC ACID, DNA' 
# 
loop_
_struct_asym.id 
_struct_asym.pdbx_blank_PDB_chainid_flag 
_struct_asym.pdbx_modified 
_struct_asym.entity_id 
_struct_asym.details 
A N N 1 ? 
B N N 1 ? 
C N N 2 ? 
D N N 3 ? 
E N N 3 ? 
# 
_struct_biol.id                    1 
_struct_biol.pdbx_parent_biol_id   ? 
_struct_biol.details               ? 
# 
loop_
_struct_conn.id 
_struct_conn.conn_type_id 
_struct_conn.pdbx_leaving_atom_flag 
_struct_conn.pdbx_PDB_id 
_struct_conn.ptnr1_label_asym_id 
_struct_conn.ptnr1_label_comp_id 
_struct_conn.ptnr1_label_seq_id 
_struct_conn.ptnr1_label_atom_id 
_struct_conn.pdbx_ptnr1_label_alt_id 
_struct_conn.pdbx_ptnr1_PDB_ins_code 
_struct_conn.pdbx_ptnr1_standard_comp_id 
_struct_conn.ptnr1_symmetry 
_struct_conn.ptnr2_label_asym_id 
_struct_conn.ptnr2_label_comp_id 
_struct_conn.ptnr2_label_seq_id 
_struct_conn.ptnr2_label_atom_id 
_struct_conn.pdbx_ptnr2_label_alt_id 
_struct_conn.pdbx_ptnr2_PDB_ins_code 
_struct_conn.ptnr1_auth_asym_id 
_struct_conn.ptnr1_auth_comp_id 
_struct_conn.ptnr1_auth_seq_id 
_struct_conn.ptnr2_auth_asym_id 
_struct_conn.ptnr2_auth_comp_id 
_struct_conn.ptnr2_auth_seq_id 
_struct_conn.ptnr2_symmetry 
_struct_conn.pdbx_ptnr3_label_atom_id 
_struct_conn.pdbx_ptnr3_label_seq_id 
_struct_conn.pdbx_ptnr3_label_comp_id 
_struct_conn.pdbx_ptnr3_label_asym_id 
_struct_conn.pdbx_ptnr3_label_alt_id 
_struct_conn.pdbx_ptnr3_PDB_ins_code 
_struct_conn.details 
_struct_conn.pdbx_dist_value 
_struct_conn.pdbx_value_order 
_struct_conn.pdbx_role 
covale1  covale both ? A DT  7  "O3'" ? ? ? 1_555 A UFR 8  P  ? ? A DT  7  A UFR 8   1_555 ? ? ? ? ? ? ?            1.603 ? ? 
covale2  covale one  ? A UFR 8  "O3'" ? ? ? 1_555 A DC  9  P  ? ? A UFR 8  A DC  9   1_555 ? ? ? ? ? ? ?            1.607 ? ? 
covale3  covale both ? B DT  7  "O3'" ? ? ? 1_555 B UFR 8  P  ? ? B DT  19 B UFR 20  1_555 ? ? ? ? ? ? ?            1.604 ? ? 
covale4  covale one  ? B UFR 8  "O3'" ? ? ? 1_555 B DC  9  P  ? ? B UFR 20 B DC  21  1_555 ? ? ? ? ? ? ?            1.604 ? ? 
metalc1  metalc ?    ? C MG  .  MG    ? ? ? 1_555 D HOH .  O  ? ? A MG  25 A HOH 205 1_555 ? ? ? ? ? ? ?            2.097 ? ? 
metalc2  metalc ?    ? C MG  .  MG    ? ? ? 1_555 D HOH .  O  ? ? A MG  25 A HOH 206 1_555 ? ? ? ? ? ? ?            2.023 ? ? 
metalc3  metalc ?    ? C MG  .  MG    ? ? ? 1_555 D HOH .  O  ? ? A MG  25 A HOH 207 1_555 ? ? ? ? ? ? ?            2.051 ? ? 
metalc4  metalc ?    ? C MG  .  MG    ? ? ? 1_555 D HOH .  O  ? ? A MG  25 A HOH 208 1_555 ? ? ? ? ? ? ?            2.105 ? ? 
metalc5  metalc ?    ? C MG  .  MG    ? ? ? 1_555 D HOH .  O  ? ? A MG  25 A HOH 209 1_555 ? ? ? ? ? ? ?            2.172 ? ? 
metalc6  metalc ?    ? C MG  .  MG    ? ? ? 1_555 D HOH .  O  ? ? A MG  25 A HOH 210 1_555 ? ? ? ? ? ? ?            2.098 ? ? 
hydrog1  hydrog ?    ? A DC  1  N3    ? ? ? 1_555 B DG  12 N1 ? ? A DC  1  B DG  24  1_555 ? ? ? ? ? ? WATSON-CRICK ?     ? ? 
hydrog2  hydrog ?    ? A DC  1  N4    ? ? ? 1_555 B DG  12 O6 ? ? A DC  1  B DG  24  1_555 ? ? ? ? ? ? WATSON-CRICK ?     ? ? 
hydrog3  hydrog ?    ? A DC  1  O2    ? ? ? 1_555 B DG  12 N2 ? ? A DC  1  B DG  24  1_555 ? ? ? ? ? ? WATSON-CRICK ?     ? ? 
hydrog4  hydrog ?    ? A DG  2  N1    ? ? ? 1_555 B DC  11 N3 ? ? A DG  2  B DC  23  1_555 ? ? ? ? ? ? WATSON-CRICK ?     ? ? 
hydrog5  hydrog ?    ? A DG  2  N2    ? ? ? 1_555 B DC  11 O2 ? ? A DG  2  B DC  23  1_555 ? ? ? ? ? ? WATSON-CRICK ?     ? ? 
hydrog6  hydrog ?    ? A DG  2  O6    ? ? ? 1_555 B DC  11 N4 ? ? A DG  2  B DC  23  1_555 ? ? ? ? ? ? WATSON-CRICK ?     ? ? 
hydrog7  hydrog ?    ? A DC  3  N3    ? ? ? 1_555 B DG  10 N1 ? ? A DC  3  B DG  22  1_555 ? ? ? ? ? ? WATSON-CRICK ?     ? ? 
hydrog8  hydrog ?    ? A DC  3  N4    ? ? ? 1_555 B DG  10 O6 ? ? A DC  3  B DG  22  1_555 ? ? ? ? ? ? WATSON-CRICK ?     ? ? 
hydrog9  hydrog ?    ? A DC  3  O2    ? ? ? 1_555 B DG  10 N2 ? ? A DC  3  B DG  22  1_555 ? ? ? ? ? ? WATSON-CRICK ?     ? ? 
hydrog10 hydrog ?    ? A DG  4  N1    ? ? ? 1_555 B DC  9  N3 ? ? A DG  4  B DC  21  1_555 ? ? ? ? ? ? WATSON-CRICK ?     ? ? 
hydrog11 hydrog ?    ? A DG  4  N2    ? ? ? 1_555 B DC  9  O2 ? ? A DG  4  B DC  21  1_555 ? ? ? ? ? ? WATSON-CRICK ?     ? ? 
hydrog12 hydrog ?    ? A DG  4  O6    ? ? ? 1_555 B DC  9  N4 ? ? A DG  4  B DC  21  1_555 ? ? ? ? ? ? WATSON-CRICK ?     ? ? 
hydrog13 hydrog ?    ? A DA  5  N1    ? ? ? 1_555 B UFR 8  N3 ? ? A DA  5  B UFR 20  1_555 ? ? ? ? ? ? WATSON-CRICK ?     ? ? 
hydrog14 hydrog ?    ? A DA  5  N6    ? ? ? 1_555 B UFR 8  O4 ? ? A DA  5  B UFR 20  1_555 ? ? ? ? ? ? WATSON-CRICK ?     ? ? 
hydrog15 hydrog ?    ? A DA  6  N1    ? ? ? 1_555 B DT  7  N3 ? ? A DA  6  B DT  19  1_555 ? ? ? ? ? ? WATSON-CRICK ?     ? ? 
hydrog16 hydrog ?    ? A DA  6  N6    ? ? ? 1_555 B DT  7  O4 ? ? A DA  6  B DT  19  1_555 ? ? ? ? ? ? WATSON-CRICK ?     ? ? 
hydrog17 hydrog ?    ? A DT  7  N3    ? ? ? 1_555 B DA  6  N1 ? ? A DT  7  B DA  18  1_555 ? ? ? ? ? ? WATSON-CRICK ?     ? ? 
hydrog18 hydrog ?    ? A DT  7  O4    ? ? ? 1_555 B DA  6  N6 ? ? A DT  7  B DA  18  1_555 ? ? ? ? ? ? WATSON-CRICK ?     ? ? 
hydrog19 hydrog ?    ? A UFR 8  N3    ? ? ? 1_555 B DA  5  N1 ? ? A UFR 8  B DA  17  1_555 ? ? ? ? ? ? WATSON-CRICK ?     ? ? 
hydrog20 hydrog ?    ? A UFR 8  O4    ? ? ? 1_555 B DA  5  N6 ? ? A UFR 8  B DA  17  1_555 ? ? ? ? ? ? WATSON-CRICK ?     ? ? 
hydrog21 hydrog ?    ? A DC  9  N3    ? ? ? 1_555 B DG  4  N1 ? ? A DC  9  B DG  16  1_555 ? ? ? ? ? ? WATSON-CRICK ?     ? ? 
hydrog22 hydrog ?    ? A DC  9  N4    ? ? ? 1_555 B DG  4  O6 ? ? A DC  9  B DG  16  1_555 ? ? ? ? ? ? WATSON-CRICK ?     ? ? 
hydrog23 hydrog ?    ? A DC  9  O2    ? ? ? 1_555 B DG  4  N2 ? ? A DC  9  B DG  16  1_555 ? ? ? ? ? ? WATSON-CRICK ?     ? ? 
hydrog24 hydrog ?    ? A DG  10 N1    ? ? ? 1_555 B DC  3  N3 ? ? A DG  10 B DC  15  1_555 ? ? ? ? ? ? WATSON-CRICK ?     ? ? 
hydrog25 hydrog ?    ? A DG  10 N2    ? ? ? 1_555 B DC  3  O2 ? ? A DG  10 B DC  15  1_555 ? ? ? ? ? ? WATSON-CRICK ?     ? ? 
hydrog26 hydrog ?    ? A DG  10 O6    ? ? ? 1_555 B DC  3  N4 ? ? A DG  10 B DC  15  1_555 ? ? ? ? ? ? WATSON-CRICK ?     ? ? 
hydrog27 hydrog ?    ? A DC  11 N3    ? ? ? 1_555 B DG  2  N1 ? ? A DC  11 B DG  14  1_555 ? ? ? ? ? ? WATSON-CRICK ?     ? ? 
hydrog28 hydrog ?    ? A DC  11 N4    ? ? ? 1_555 B DG  2  O6 ? ? A DC  11 B DG  14  1_555 ? ? ? ? ? ? WATSON-CRICK ?     ? ? 
hydrog29 hydrog ?    ? A DC  11 O2    ? ? ? 1_555 B DG  2  N2 ? ? A DC  11 B DG  14  1_555 ? ? ? ? ? ? WATSON-CRICK ?     ? ? 
hydrog30 hydrog ?    ? A DG  12 N1    ? ? ? 1_555 B DC  1  N3 ? ? A DG  12 B DC  13  1_555 ? ? ? ? ? ? WATSON-CRICK ?     ? ? 
hydrog31 hydrog ?    ? A DG  12 N2    ? ? ? 1_555 B DC  1  O2 ? ? A DG  12 B DC  13  1_555 ? ? ? ? ? ? WATSON-CRICK ?     ? ? 
hydrog32 hydrog ?    ? A DG  12 O6    ? ? ? 1_555 B DC  1  N4 ? ? A DG  12 B DC  13  1_555 ? ? ? ? ? ? WATSON-CRICK ?     ? ? 
# 
loop_
_struct_conn_type.id 
_struct_conn_type.criteria 
_struct_conn_type.reference 
covale ? ? 
metalc ? ? 
hydrog ? ? 
# 
_struct_site.id                   AC1 
_struct_site.pdbx_evidence_code   Software 
_struct_site.pdbx_auth_asym_id    A 
_struct_site.pdbx_auth_comp_id    MG 
_struct_site.pdbx_auth_seq_id     25 
_struct_site.pdbx_auth_ins_code   ? 
_struct_site.pdbx_num_residues    6 
_struct_site.details              'BINDING SITE FOR RESIDUE MG A 25' 
# 
loop_
_struct_site_gen.id 
_struct_site_gen.site_id 
_struct_site_gen.pdbx_num_res 
_struct_site_gen.label_comp_id 
_struct_site_gen.label_asym_id 
_struct_site_gen.label_seq_id 
_struct_site_gen.pdbx_auth_ins_code 
_struct_site_gen.auth_comp_id 
_struct_site_gen.auth_asym_id 
_struct_site_gen.auth_seq_id 
_struct_site_gen.label_atom_id 
_struct_site_gen.label_alt_id 
_struct_site_gen.symmetry 
_struct_site_gen.details 
1 AC1 6 HOH D . ? HOH A 205 . ? 1_555 ? 
2 AC1 6 HOH D . ? HOH A 206 . ? 1_555 ? 
3 AC1 6 HOH D . ? HOH A 207 . ? 1_555 ? 
4 AC1 6 HOH D . ? HOH A 208 . ? 1_555 ? 
5 AC1 6 HOH D . ? HOH A 209 . ? 1_555 ? 
6 AC1 6 HOH D . ? HOH A 210 . ? 1_555 ? 
# 
_atom_sites.entry_id                    1G8N 
_atom_sites.fract_transf_matrix[1][1]   -0.02327806 
_atom_sites.fract_transf_matrix[1][2]   -0.02331968 
_atom_sites.fract_transf_matrix[1][3]   -0.01984061 
_atom_sites.fract_transf_matrix[2][1]   0.01898936 
_atom_sites.fract_transf_matrix[2][2]   -0.00550219 
_atom_sites.fract_transf_matrix[2][3]   -0.01581234 
_atom_sites.fract_transf_matrix[3][1]   0.00405764 
_atom_sites.fract_transf_matrix[3][2]   -0.01164340 
_atom_sites.fract_transf_matrix[3][3]   0.00892444 
_atom_sites.fract_transf_vector[1]      0.403569 
_atom_sites.fract_transf_vector[2]      0.010615 
_atom_sites.fract_transf_vector[3]      0.386841 
# 
loop_
_atom_type.symbol 
C  
MG 
N  
O  
P  
# 
loop_
_atom_site.group_PDB 
_atom_site.id 
_atom_site.type_symbol 
_atom_site.label_atom_id 
_atom_site.label_alt_id 
_atom_site.label_comp_id 
_atom_site.label_asym_id 
_atom_site.label_entity_id 
_atom_site.label_seq_id 
_atom_site.pdbx_PDB_ins_code 
_atom_site.Cartn_x 
_atom_site.Cartn_y 
_atom_site.Cartn_z 
_atom_site.occupancy 
_atom_site.B_iso_or_equiv 
_atom_site.pdbx_formal_charge 
_atom_site.auth_seq_id 
_atom_site.auth_comp_id 
_atom_site.auth_asym_id 
_atom_site.auth_atom_id 
_atom_site.pdbx_PDB_model_num 
ATOM   1   O  "O5'" . DC  A 1 1  ? 9.456   12.331  -15.429 1.00 20.97 ? 1   DC  A "O5'" 1 
ATOM   2   C  "C5'" . DC  A 1 1  ? 8.037   12.464  -15.364 1.00 18.52 ? 1   DC  A "C5'" 1 
ATOM   3   C  "C4'" . DC  A 1 1  ? 7.628   13.287  -14.165 1.00 18.21 ? 1   DC  A "C4'" 1 
ATOM   4   O  "O4'" . DC  A 1 1  ? 6.217   13.598  -14.248 1.00 14.12 ? 1   DC  A "O4'" 1 
ATOM   5   C  "C3'" . DC  A 1 1  ? 7.833   12.618  -12.806 1.00 19.54 ? 1   DC  A "C3'" 1 
ATOM   6   O  "O3'" . DC  A 1 1  ? 8.273   13.590  -11.850 1.00 22.26 ? 1   DC  A "O3'" 1 
ATOM   7   C  "C2'" . DC  A 1 1  ? 6.448   12.093  -12.466 1.00 17.01 ? 1   DC  A "C2'" 1 
ATOM   8   C  "C1'" . DC  A 1 1  ? 5.550   13.155  -13.077 1.00 14.21 ? 1   DC  A "C1'" 1 
ATOM   9   N  N1    . DC  A 1 1  ? 4.209   12.701  -13.483 1.00 14.44 ? 1   DC  A N1    1 
ATOM   10  C  C2    . DC  A 1 1  ? 3.113   13.513  -13.190 1.00 15.93 ? 1   DC  A C2    1 
ATOM   11  O  O2    . DC  A 1 1  ? 3.301   14.558  -12.554 1.00 18.38 ? 1   DC  A O2    1 
ATOM   12  N  N3    . DC  A 1 1  ? 1.881   13.138  -13.603 1.00 13.94 ? 1   DC  A N3    1 
ATOM   13  C  C4    . DC  A 1 1  ? 1.720   11.993  -14.270 1.00 16.68 ? 1   DC  A C4    1 
ATOM   14  N  N4    . DC  A 1 1  ? 0.485   11.671  -14.667 1.00 13.42 ? 1   DC  A N4    1 
ATOM   15  C  C5    . DC  A 1 1  ? 2.818   11.130  -14.559 1.00 14.31 ? 1   DC  A C5    1 
ATOM   16  C  C6    . DC  A 1 1  ? 4.034   11.519  -14.151 1.00 14.07 ? 1   DC  A C6    1 
ATOM   17  P  P     . DG  A 1 2  ? 8.875   13.112  -10.438 1.00 24.40 ? 2   DG  A P     1 
ATOM   18  O  OP1   . DG  A 1 2  ? 10.038  13.991  -10.133 1.00 27.91 ? 2   DG  A OP1   1 
ATOM   19  O  OP2   . DG  A 1 2  ? 9.052   11.637  -10.438 1.00 24.57 ? 2   DG  A OP2   1 
ATOM   20  O  "O5'" . DG  A 1 2  ? 7.715   13.471  -9.413  1.00 24.91 ? 2   DG  A "O5'" 1 
ATOM   21  C  "C5'" . DG  A 1 2  ? 7.300   14.819  -9.232  1.00 24.06 ? 2   DG  A "C5'" 1 
ATOM   22  C  "C4'" . DG  A 1 2  ? 6.183   14.877  -8.222  1.00 22.29 ? 2   DG  A "C4'" 1 
ATOM   23  O  "O4'" . DG  A 1 2  ? 4.928   14.457  -8.810  1.00 19.36 ? 2   DG  A "O4'" 1 
ATOM   24  C  "C3'" . DG  A 1 2  ? 6.405   13.984  -7.005  1.00 21.51 ? 2   DG  A "C3'" 1 
ATOM   25  O  "O3'" . DG  A 1 2  ? 6.006   14.703  -5.840  1.00 22.57 ? 2   DG  A "O3'" 1 
ATOM   26  C  "C2'" . DG  A 1 2  ? 5.502   12.790  -7.273  1.00 19.64 ? 2   DG  A "C2'" 1 
ATOM   27  C  "C1'" . DG  A 1 2  ? 4.348   13.431  -8.022  1.00 16.72 ? 2   DG  A "C1'" 1 
ATOM   28  N  N9    . DG  A 1 2  ? 3.602   12.558  -8.926  1.00 12.77 ? 2   DG  A N9    1 
ATOM   29  C  C8    . DG  A 1 2  ? 4.090   11.525  -9.692  1.00 11.56 ? 2   DG  A C8    1 
ATOM   30  N  N7    . DG  A 1 2  ? 3.178   10.970  -10.447 1.00 9.99  ? 2   DG  A N7    1 
ATOM   31  C  C5    . DG  A 1 2  ? 2.016   11.673  -10.153 1.00 10.05 ? 2   DG  A C5    1 
ATOM   32  C  C6    . DG  A 1 2  ? 0.697   11.537  -10.666 1.00 8.10  ? 2   DG  A C6    1 
ATOM   33  O  O6    . DG  A 1 2  ? 0.275   10.743  -11.523 1.00 10.72 ? 2   DG  A O6    1 
ATOM   34  N  N1    . DG  A 1 2  ? -0.175  12.451  -10.083 1.00 9.99  ? 2   DG  A N1    1 
ATOM   35  C  C2    . DG  A 1 2  ? 0.170   13.375  -9.132  1.00 9.54  ? 2   DG  A C2    1 
ATOM   36  N  N2    . DG  A 1 2  ? -0.818  14.165  -8.691  1.00 9.75  ? 2   DG  A N2    1 
ATOM   37  N  N3    . DG  A 1 2  ? 1.396   13.516  -8.651  1.00 10.55 ? 2   DG  A N3    1 
ATOM   38  C  C4    . DG  A 1 2  ? 2.262   12.643  -9.201  1.00 10.66 ? 2   DG  A C4    1 
ATOM   39  P  P     . DC  A 1 3  ? 6.413   14.167  -4.386  1.00 23.08 ? 3   DC  A P     1 
ATOM   40  O  OP1   . DC  A 1 3  ? 7.253   15.220  -3.768  1.00 24.37 ? 3   DC  A OP1   1 
ATOM   41  O  OP2   . DC  A 1 3  ? 6.919   12.775  -4.464  1.00 22.44 ? 3   DC  A OP2   1 
ATOM   42  O  "O5'" . DC  A 1 3  ? 5.016   14.157  -3.628  1.00 20.66 ? 3   DC  A "O5'" 1 
ATOM   43  C  "C5'" . DC  A 1 3  ? 4.135   15.274  -3.722  1.00 17.85 ? 3   DC  A "C5'" 1 
ATOM   44  C  "C4'" . DC  A 1 3  ? 2.701   14.802  -3.719  1.00 15.12 ? 3   DC  A "C4'" 1 
ATOM   45  O  "O4'" . DC  A 1 3  ? 2.434   14.053  -4.917  1.00 13.57 ? 3   DC  A "O4'" 1 
ATOM   46  C  "C3'" . DC  A 1 3  ? 2.366   13.840  -2.589  1.00 17.94 ? 3   DC  A "C3'" 1 
ATOM   47  O  "O3'" . DC  A 1 3  ? 1.936   14.582  -1.454  1.00 20.22 ? 3   DC  A "O3'" 1 
ATOM   48  C  "C2'" . DC  A 1 3  ? 1.232   13.005  -3.161  1.00 16.52 ? 3   DC  A "C2'" 1 
ATOM   49  C  "C1'" . DC  A 1 3  ? 1.325   13.201  -4.673  1.00 13.59 ? 3   DC  A "C1'" 1 
ATOM   50  N  N1    . DC  A 1 3  ? 1.532   11.977  -5.458  1.00 11.21 ? 3   DC  A N1    1 
ATOM   51  C  C2    . DC  A 1 3  ? 0.472   11.477  -6.214  1.00 8.30  ? 3   DC  A C2    1 
ATOM   52  O  O2    . DC  A 1 3  ? -0.633  12.025  -6.127  1.00 9.98  ? 3   DC  A O2    1 
ATOM   53  N  N3    . DC  A 1 3  ? 0.677   10.409  -7.015  1.00 9.76  ? 3   DC  A N3    1 
ATOM   54  C  C4    . DC  A 1 3  ? 1.879   9.834   -7.064  1.00 9.79  ? 3   DC  A C4    1 
ATOM   55  N  N4    . DC  A 1 3  ? 2.051   8.817   -7.906  1.00 11.66 ? 3   DC  A N4    1 
ATOM   56  C  C5    . DC  A 1 3  ? 2.965   10.289  -6.260  1.00 11.46 ? 3   DC  A C5    1 
ATOM   57  C  C6    . DC  A 1 3  ? 2.747   11.354  -5.478  1.00 11.55 ? 3   DC  A C6    1 
ATOM   58  P  P     . DG  A 1 4  ? 1.749   13.841  -0.044  1.00 23.05 ? 4   DG  A P     1 
ATOM   59  O  OP1   . DG  A 1 4  ? 1.922   14.871  1.007   1.00 24.79 ? 4   DG  A OP1   1 
ATOM   60  O  OP2   . DG  A 1 4  ? 2.585   12.614  -0.020  1.00 22.07 ? 4   DG  A OP2   1 
ATOM   61  O  "O5'" . DG  A 1 4  ? 0.225   13.391  -0.059  1.00 20.36 ? 4   DG  A "O5'" 1 
ATOM   62  C  "C5'" . DG  A 1 4  ? -0.804  14.309  -0.400  1.00 18.54 ? 4   DG  A "C5'" 1 
ATOM   63  C  "C4'" . DG  A 1 4  ? -2.109  13.571  -0.576  1.00 18.62 ? 4   DG  A "C4'" 1 
ATOM   64  O  "O4'" . DG  A 1 4  ? -2.011  12.696  -1.725  1.00 14.95 ? 4   DG  A "O4'" 1 
ATOM   65  C  "C3'" . DG  A 1 4  ? -2.500  12.680  0.602   1.00 18.54 ? 4   DG  A "C3'" 1 
ATOM   66  O  "O3'" . DG  A 1 4  ? -3.914  12.756  0.802   1.00 21.51 ? 4   DG  A "O3'" 1 
ATOM   67  C  "C2'" . DG  A 1 4  ? -2.056  11.296  0.165   1.00 17.77 ? 4   DG  A "C2'" 1 
ATOM   68  C  "C1'" . DG  A 1 4  ? -2.238  11.346  -1.342  1.00 15.54 ? 4   DG  A "C1'" 1 
ATOM   69  N  N9    . DG  A 1 4  ? -1.308  10.508  -2.091  1.00 13.48 ? 4   DG  A N9    1 
ATOM   70  C  C8    . DG  A 1 4  ? 0.025   10.298  -1.829  1.00 12.78 ? 4   DG  A C8    1 
ATOM   71  N  N7    . DG  A 1 4  ? 0.597   9.496   -2.685  1.00 12.04 ? 4   DG  A N7    1 
ATOM   72  C  C5    . DG  A 1 4  ? -0.419  9.152   -3.565  1.00 10.25 ? 4   DG  A C5    1 
ATOM   73  C  C6    . DG  A 1 4  ? -0.410  8.292   -4.695  1.00 10.39 ? 4   DG  A C6    1 
ATOM   74  O  O6    . DG  A 1 4  ? 0.530   7.644   -5.161  1.00 11.66 ? 4   DG  A O6    1 
ATOM   75  N  N1    . DG  A 1 4  ? -1.663  8.219   -5.291  1.00 11.26 ? 4   DG  A N1    1 
ATOM   76  C  C2    . DG  A 1 4  ? -2.785  8.879   -4.855  1.00 12.33 ? 4   DG  A C2    1 
ATOM   77  N  N2    . DG  A 1 4  ? -3.908  8.668   -5.553  1.00 11.98 ? 4   DG  A N2    1 
ATOM   78  N  N3    . DG  A 1 4  ? -2.807  9.682   -3.807  1.00 12.37 ? 4   DG  A N3    1 
ATOM   79  C  C4    . DG  A 1 4  ? -1.601  9.770   -3.212  1.00 11.99 ? 4   DG  A C4    1 
ATOM   80  P  P     . DA  A 1 5  ? -4.607  11.894  1.969   1.00 22.70 ? 5   DA  A P     1 
ATOM   81  O  OP1   . DA  A 1 5  ? -5.614  12.775  2.606   1.00 24.23 ? 5   DA  A OP1   1 
ATOM   82  O  OP2   . DA  A 1 5  ? -3.556  11.259  2.797   1.00 22.65 ? 5   DA  A OP2   1 
ATOM   83  O  "O5'" . DA  A 1 5  ? -5.381  10.752  1.171   1.00 20.63 ? 5   DA  A "O5'" 1 
ATOM   84  C  "C5'" . DA  A 1 5  ? -6.292  11.094  0.131   1.00 18.24 ? 5   DA  A "C5'" 1 
ATOM   85  C  "C4'" . DA  A 1 5  ? -6.683  9.863   -0.654  1.00 15.15 ? 5   DA  A "C4'" 1 
ATOM   86  O  "O4'" . DA  A 1 5  ? -5.529  9.316   -1.332  1.00 14.18 ? 5   DA  A "O4'" 1 
ATOM   87  C  "C3'" . DA  A 1 5  ? -7.305  8.716   0.145   1.00 13.75 ? 5   DA  A "C3'" 1 
ATOM   88  O  "O3'" . DA  A 1 5  ? -8.528  8.341   -0.494  1.00 12.65 ? 5   DA  A "O3'" 1 
ATOM   89  C  "C2'" . DA  A 1 5  ? -6.266  7.605   0.075   1.00 13.07 ? 5   DA  A "C2'" 1 
ATOM   90  C  "C1'" . DA  A 1 5  ? -5.528  7.904   -1.217  1.00 13.81 ? 5   DA  A "C1'" 1 
ATOM   91  N  N9    . DA  A 1 5  ? -4.132  7.468   -1.247  1.00 12.20 ? 5   DA  A N9    1 
ATOM   92  C  C8    . DA  A 1 5  ? -3.127  7.824   -0.383  1.00 11.64 ? 5   DA  A C8    1 
ATOM   93  N  N7    . DA  A 1 5  ? -1.955  7.327   -0.699  1.00 11.99 ? 5   DA  A N7    1 
ATOM   94  C  C5    . DA  A 1 5  ? -2.207  6.580   -1.842  1.00 10.15 ? 5   DA  A C5    1 
ATOM   95  C  C6    . DA  A 1 5  ? -1.371  5.815   -2.677  1.00 9.72  ? 5   DA  A C6    1 
ATOM   96  N  N6    . DA  A 1 5  ? -0.054  5.682   -2.495  1.00 11.24 ? 5   DA  A N6    1 
ATOM   97  N  N1    . DA  A 1 5  ? -1.944  5.187   -3.726  1.00 8.91  ? 5   DA  A N1    1 
ATOM   98  C  C2    . DA  A 1 5  ? -3.264  5.328   -3.918  1.00 10.74 ? 5   DA  A C2    1 
ATOM   99  N  N3    . DA  A 1 5  ? -4.149  6.028   -3.213  1.00 11.22 ? 5   DA  A N3    1 
ATOM   100 C  C4    . DA  A 1 5  ? -3.549  6.641   -2.178  1.00 11.39 ? 5   DA  A C4    1 
ATOM   101 P  P     . DA  A 1 6  ? -9.421  7.150   0.105   1.00 12.17 ? 6   DA  A P     1 
ATOM   102 O  OP1   . DA  A 1 6  ? -10.817 7.421   -0.320  1.00 13.19 ? 6   DA  A OP1   1 
ATOM   103 O  OP2   . DA  A 1 6  ? -9.114  6.950   1.545   1.00 12.62 ? 6   DA  A OP2   1 
ATOM   104 O  "O5'" . DA  A 1 6  ? -8.902  5.871   -0.686  1.00 12.62 ? 6   DA  A "O5'" 1 
ATOM   105 C  "C5'" . DA  A 1 6  ? -9.088  5.755   -2.090  1.00 13.08 ? 6   DA  A "C5'" 1 
ATOM   106 C  "C4'" . DA  A 1 6  ? -8.576  4.417   -2.562  1.00 11.30 ? 6   DA  A "C4'" 1 
ATOM   107 O  "O4'" . DA  A 1 6  ? -7.134  4.385   -2.485  1.00 14.13 ? 6   DA  A "O4'" 1 
ATOM   108 C  "C3'" . DA  A 1 6  ? -9.085  3.221   -1.757  1.00 12.37 ? 6   DA  A "C3'" 1 
ATOM   109 O  "O3'" . DA  A 1 6  ? -9.787  2.359   -2.646  1.00 11.68 ? 6   DA  A "O3'" 1 
ATOM   110 C  "C2'" . DA  A 1 6  ? -7.830  2.581   -1.174  1.00 11.16 ? 6   DA  A "C2'" 1 
ATOM   111 C  "C1'" . DA  A 1 6  ? -6.710  3.107   -2.058  1.00 11.31 ? 6   DA  A "C1'" 1 
ATOM   112 N  N9    . DA  A 1 6  ? -5.422  3.281   -1.386  1.00 9.38  ? 6   DA  A N9    1 
ATOM   113 C  C8    . DA  A 1 6  ? -5.167  4.003   -0.247  1.00 8.68  ? 6   DA  A C8    1 
ATOM   114 N  N7    . DA  A 1 6  ? -3.900  4.019   0.098   1.00 9.59  ? 6   DA  A N7    1 
ATOM   115 C  C5    . DA  A 1 6  ? -3.282  3.248   -0.876  1.00 7.97  ? 6   DA  A C5    1 
ATOM   116 C  C6    . DA  A 1 6  ? -1.938  2.888   -1.087  1.00 8.83  ? 6   DA  A C6    1 
ATOM   117 N  N6    . DA  A 1 6  ? -0.933  3.281   -0.301  1.00 11.63 ? 6   DA  A N6    1 
ATOM   118 N  N1    . DA  A 1 6  ? -1.658  2.102   -2.152  1.00 9.77  ? 6   DA  A N1    1 
ATOM   119 C  C2    . DA  A 1 6  ? -2.666  1.716   -2.948  1.00 10.47 ? 6   DA  A C2    1 
ATOM   120 N  N3    . DA  A 1 6  ? -3.969  1.996   -2.857  1.00 10.00 ? 6   DA  A N3    1 
ATOM   121 C  C4    . DA  A 1 6  ? -4.211  2.774   -1.788  1.00 9.40  ? 6   DA  A C4    1 
ATOM   122 P  P     . DT  A 1 7  ? -10.391 0.969   -2.119  1.00 12.17 ? 7   DT  A P     1 
ATOM   123 O  OP1   . DT  A 1 7  ? -11.518 0.638   -3.043  1.00 13.84 ? 7   DT  A OP1   1 
ATOM   124 O  OP2   . DT  A 1 7  ? -10.623 0.992   -0.655  1.00 12.57 ? 7   DT  A OP2   1 
ATOM   125 O  "O5'" . DT  A 1 7  ? -9.217  -0.060  -2.409  1.00 12.71 ? 7   DT  A "O5'" 1 
ATOM   126 C  "C5'" . DT  A 1 7  ? -8.624  -0.126  -3.700  1.00 10.29 ? 7   DT  A "C5'" 1 
ATOM   127 C  "C4'" . DT  A 1 7  ? -7.411  -1.021  -3.661  1.00 11.15 ? 7   DT  A "C4'" 1 
ATOM   128 O  "O4'" . DT  A 1 7  ? -6.365  -0.408  -2.880  1.00 10.30 ? 7   DT  A "O4'" 1 
ATOM   129 C  "C3'" . DT  A 1 7  ? -7.646  -2.404  -3.049  1.00 12.57 ? 7   DT  A "C3'" 1 
ATOM   130 O  "O3'" . DT  A 1 7  ? -7.542  -3.372  -4.098  1.00 14.63 ? 7   DT  A "O3'" 1 
ATOM   131 C  "C2'" . DT  A 1 7  ? -6.564  -2.538  -1.977  1.00 11.87 ? 7   DT  A "C2'" 1 
ATOM   132 C  "C1'" . DT  A 1 7  ? -5.575  -1.441  -2.337  1.00 11.14 ? 7   DT  A "C1'" 1 
ATOM   133 N  N1    . DT  A 1 7  ? -4.793  -0.866  -1.222  1.00 9.87  ? 7   DT  A N1    1 
ATOM   134 C  C2    . DT  A 1 7  ? -3.424  -1.036  -1.236  1.00 10.70 ? 7   DT  A C2    1 
ATOM   135 O  O2    . DT  A 1 7  ? -2.843  -1.695  -2.082  1.00 11.49 ? 7   DT  A O2    1 
ATOM   136 N  N3    . DT  A 1 7  ? -2.758  -0.408  -0.210  1.00 9.52  ? 7   DT  A N3    1 
ATOM   137 C  C4    . DT  A 1 7  ? -3.309  0.341   0.812   1.00 8.16  ? 7   DT  A C4    1 
ATOM   138 O  O4    . DT  A 1 7  ? -2.582  0.873   1.648   1.00 11.72 ? 7   DT  A O4    1 
ATOM   139 C  C5    . DT  A 1 7  ? -4.751  0.441   0.790   1.00 6.99  ? 7   DT  A C5    1 
ATOM   140 C  C7    . DT  A 1 7  ? -5.440  1.206   1.877   1.00 8.73  ? 7   DT  A C7    1 
ATOM   141 C  C6    . DT  A 1 7  ? -5.411  -0.158  -0.213  1.00 8.04  ? 7   DT  A C6    1 
HETATM 142 P  P     . UFR A 1 8  ? -7.802  -4.925  -3.796  1.00 15.42 ? 8   UFR A P     1 
HETATM 143 O  O1P   . UFR A 1 8  ? -8.269  -5.537  -5.069  1.00 17.71 ? 8   UFR A O1P   1 
HETATM 144 O  O2P   . UFR A 1 8  ? -8.610  -5.077  -2.562  1.00 15.76 ? 8   UFR A O2P   1 
HETATM 145 O  "O5'" . UFR A 1 8  ? -6.344  -5.487  -3.505  1.00 14.81 ? 8   UFR A "O5'" 1 
HETATM 146 C  "C5'" . UFR A 1 8  ? -5.298  -5.292  -4.449  1.00 15.09 ? 8   UFR A "C5'" 1 
HETATM 147 C  "C4'" . UFR A 1 8  ? -3.971  -5.670  -3.837  1.00 15.43 ? 8   UFR A "C4'" 1 
HETATM 148 O  "O4'" . UFR A 1 8  ? -3.622  -4.752  -2.784  1.00 15.35 ? 8   UFR A "O4'" 1 
HETATM 149 C  "C3'" . UFR A 1 8  ? -3.899  -7.071  -3.224  1.00 16.48 ? 8   UFR A "C3'" 1 
HETATM 150 O  "O3'" . UFR A 1 8  ? -3.078  -7.878  -4.071  1.00 17.17 ? 8   UFR A "O3'" 1 
HETATM 151 C  "C2'" . UFR A 1 8  ? -3.299  -6.856  -1.837  1.00 15.04 ? 8   UFR A "C2'" 1 
HETATM 152 C  "C1'" . UFR A 1 8  ? -2.777  -5.427  -1.878  1.00 13.04 ? 8   UFR A "C1'" 1 
HETATM 153 N  N1    . UFR A 1 8  ? -2.829  -4.693  -0.606  1.00 12.08 ? 8   UFR A N1    1 
HETATM 154 C  C2    . UFR A 1 8  ? -1.636  -4.328  -0.017  1.00 10.37 ? 8   UFR A C2    1 
HETATM 155 O  O2    . UFR A 1 8  ? -0.550  -4.646  -0.468  1.00 11.52 ? 8   UFR A O2    1 
HETATM 156 N  N3    . UFR A 1 8  ? -1.761  -3.577  1.127   1.00 10.97 ? 8   UFR A N3    1 
HETATM 157 C  C4    . UFR A 1 8  ? -2.933  -3.171  1.732   1.00 11.65 ? 8   UFR A C4    1 
HETATM 158 O  O4    . UFR A 1 8  ? -2.881  -2.429  2.717   1.00 11.88 ? 8   UFR A O4    1 
HETATM 159 C  C5    . UFR A 1 8  ? -4.127  -3.618  1.079   1.00 11.40 ? 8   UFR A C5    1 
HETATM 160 C  C6    . UFR A 1 8  ? -4.033  -4.352  -0.035  1.00 11.09 ? 8   UFR A C6    1 
HETATM 161 C  C7    . UFR A 1 8  ? -5.446  -3.252  1.682   1.00 13.34 ? 8   UFR A C7    1 
HETATM 162 O  O5    A UFR A 1 8  ? -5.506  -2.576  2.710   0.60 14.45 ? 8   UFR A O5    1 
HETATM 163 O  O5    B UFR A 1 8  ? -6.496  -3.619  1.158   0.40 15.18 ? 8   UFR A O5    1 
ATOM   164 P  P     . DC  A 1 9  ? -2.610  -9.341  -3.600  1.00 17.82 ? 9   DC  A P     1 
ATOM   165 O  OP1   . DC  A 1 9  ? -2.340  -10.090 -4.856  1.00 19.96 ? 9   DC  A OP1   1 
ATOM   166 O  OP2   . DC  A 1 9  ? -3.551  -9.901  -2.598  1.00 17.86 ? 9   DC  A OP2   1 
ATOM   167 O  "O5'" . DC  A 1 9  ? -1.219  -9.061  -2.883  1.00 16.36 ? 9   DC  A "O5'" 1 
ATOM   168 C  "C5'" . DC  A 1 9  ? -0.220  -8.280  -3.534  1.00 16.64 ? 9   DC  A "C5'" 1 
ATOM   169 C  "C4'" . DC  A 1 9  ? 1.018   -8.188  -2.673  1.00 15.77 ? 9   DC  A "C4'" 1 
ATOM   170 O  "O4'" . DC  A 1 9  ? 0.774   -7.380  -1.502  1.00 16.29 ? 9   DC  A "O4'" 1 
ATOM   171 C  "C3'" . DC  A 1 9  ? 1.567   -9.522  -2.166  1.00 16.96 ? 9   DC  A "C3'" 1 
ATOM   172 O  "O3'" . DC  A 1 9  ? 2.981   -9.528  -2.364  1.00 18.12 ? 9   DC  A "O3'" 1 
ATOM   173 C  "C2'" . DC  A 1 9  ? 1.212   -9.524  -0.687  1.00 15.95 ? 9   DC  A "C2'" 1 
ATOM   174 C  "C1'" . DC  A 1 9  ? 1.233   -8.045  -0.339  1.00 14.86 ? 9   DC  A "C1'" 1 
ATOM   175 N  N1    . DC  A 1 9  ? 0.352   -7.627  0.761   1.00 13.89 ? 9   DC  A N1    1 
ATOM   176 C  C2    . DC  A 1 9  ? 0.896   -6.932  1.851   1.00 11.87 ? 9   DC  A C2    1 
ATOM   177 O  O2    . DC  A 1 9  ? 2.127   -6.809  1.940   1.00 12.72 ? 9   DC  A O2    1 
ATOM   178 N  N3    . DC  A 1 9  ? 0.064   -6.421  2.789   1.00 11.93 ? 9   DC  A N3    1 
ATOM   179 C  C4    . DC  A 1 9  ? -1.253  -6.609  2.683   1.00 12.58 ? 9   DC  A C4    1 
ATOM   180 N  N4    . DC  A 1 9  ? -2.039  -6.037  3.591   1.00 10.37 ? 9   DC  A N4    1 
ATOM   181 C  C5    . DC  A 1 9  ? -1.822  -7.380  1.630   1.00 11.46 ? 9   DC  A C5    1 
ATOM   182 C  C6    . DC  A 1 9  ? -0.991  -7.864  0.698   1.00 12.14 ? 9   DC  A C6    1 
ATOM   183 P  P     . DG  A 1 10 ? 3.765   -10.923 -2.487  1.00 19.75 ? 10  DG  A P     1 
ATOM   184 O  OP1   . DG  A 1 10 ? 4.982   -10.668 -3.303  1.00 19.93 ? 10  DG  A OP1   1 
ATOM   185 O  OP2   . DG  A 1 10 ? 2.814   -11.991 -2.893  1.00 19.47 ? 10  DG  A OP2   1 
ATOM   186 O  "O5'" . DG  A 1 10 ? 4.210   -11.225 -0.989  1.00 18.11 ? 10  DG  A "O5'" 1 
ATOM   187 C  "C5'" . DG  A 1 10 ? 5.226   -10.452 -0.363  1.00 19.07 ? 10  DG  A "C5'" 1 
ATOM   188 C  "C4'" . DG  A 1 10 ? 5.208   -10.685 1.128   1.00 20.00 ? 10  DG  A "C4'" 1 
ATOM   189 O  "O4'" . DG  A 1 10 ? 4.012   -10.111 1.707   1.00 18.40 ? 10  DG  A "O4'" 1 
ATOM   190 C  "C3'" . DG  A 1 10 ? 5.212   -12.158 1.560   1.00 19.74 ? 10  DG  A "C3'" 1 
ATOM   191 O  "O3'" . DG  A 1 10 ? 6.055   -12.296 2.702   1.00 22.39 ? 10  DG  A "O3'" 1 
ATOM   192 C  "C2'" . DG  A 1 10 ? 3.783   -12.381 2.020   1.00 19.81 ? 10  DG  A "C2'" 1 
ATOM   193 C  "C1'" . DG  A 1 10 ? 3.540   -11.038 2.659   1.00 17.47 ? 10  DG  A "C1'" 1 
ATOM   194 N  N9    . DG  A 1 10 ? 2.170   -10.685 3.010   1.00 15.56 ? 10  DG  A N9    1 
ATOM   195 C  C8    . DG  A 1 10 ? 0.997   -11.153 2.464   1.00 14.74 ? 10  DG  A C8    1 
ATOM   196 N  N7    . DG  A 1 10 ? -0.067  -10.643 3.028   1.00 13.05 ? 10  DG  A N7    1 
ATOM   197 C  C5    . DG  A 1 10 ? 0.437   -9.785  3.999   1.00 13.63 ? 10  DG  A C5    1 
ATOM   198 C  C6    . DG  A 1 10 ? -0.232  -8.950  4.937   1.00 12.61 ? 10  DG  A C6    1 
ATOM   199 O  O6    . DG  A 1 10 ? -1.448  -8.797  5.104   1.00 14.90 ? 10  DG  A O6    1 
ATOM   200 N  N1    . DG  A 1 10 ? 0.671   -8.250  5.733   1.00 12.99 ? 10  DG  A N1    1 
ATOM   201 C  C2    . DG  A 1 10 ? 2.038   -8.340  5.645   1.00 12.87 ? 10  DG  A C2    1 
ATOM   202 N  N2    . DG  A 1 10 ? 2.749   -7.599  6.511   1.00 11.19 ? 10  DG  A N2    1 
ATOM   203 N  N3    . DG  A 1 10 ? 2.669   -9.107  4.774   1.00 13.25 ? 10  DG  A N3    1 
ATOM   204 C  C4    . DG  A 1 10 ? 1.814   -9.798  3.994   1.00 13.55 ? 10  DG  A C4    1 
ATOM   205 P  P     . DC  A 1 11 ? 7.563   -12.815 2.529   1.00 23.47 ? 11  DC  A P     1 
ATOM   206 O  OP1   . DC  A 1 11 ? 8.067   -12.305 1.231   1.00 23.57 ? 11  DC  A OP1   1 
ATOM   207 O  OP2   . DC  A 1 11 ? 7.586   -14.278 2.807   1.00 25.28 ? 11  DC  A OP2   1 
ATOM   208 O  "O5'" . DC  A 1 11 ? 8.343   -12.066 3.698   1.00 22.86 ? 11  DC  A "O5'" 1 
ATOM   209 C  "C5'" . DC  A 1 11 ? 8.706   -10.695 3.564   1.00 21.16 ? 11  DC  A "C5'" 1 
ATOM   210 C  "C4'" . DC  A 1 11 ? 8.440   -9.945  4.851   1.00 19.45 ? 11  DC  A "C4'" 1 
ATOM   211 O  "O4'" . DC  A 1 11 ? 7.025   -9.937  5.156   1.00 16.90 ? 11  DC  A "O4'" 1 
ATOM   212 C  "C3'" . DC  A 1 11 ? 9.139   -10.451 6.114   1.00 18.36 ? 11  DC  A "C3'" 1 
ATOM   213 O  "O3'" . DC  A 1 11 ? 9.547   -9.307  6.875   1.00 19.48 ? 11  DC  A "O3'" 1 
ATOM   214 C  "C2'" . DC  A 1 11 ? 8.031   -11.193 6.846   1.00 17.36 ? 11  DC  A "C2'" 1 
ATOM   215 C  "C1'" . DC  A 1 11 ? 6.823   -10.343 6.502   1.00 16.72 ? 11  DC  A "C1'" 1 
ATOM   216 N  N1    . DC  A 1 11 ? 5.510   -11.006 6.563   1.00 15.86 ? 11  DC  A N1    1 
ATOM   217 C  C2    . DC  A 1 11 ? 4.512   -10.457 7.380   1.00 15.60 ? 11  DC  A C2    1 
ATOM   218 O  O2    . DC  A 1 11 ? 4.798   -9.497  8.111   1.00 15.39 ? 11  DC  A O2    1 
ATOM   219 N  N3    . DC  A 1 11 ? 3.270   -10.990 7.352   1.00 15.24 ? 11  DC  A N3    1 
ATOM   220 C  C4    . DC  A 1 11 ? 3.010   -12.037 6.566   1.00 13.67 ? 11  DC  A C4    1 
ATOM   221 N  N4    . DC  A 1 11 ? 1.760   -12.499 6.530   1.00 16.02 ? 11  DC  A N4    1 
ATOM   222 C  C5    . DC  A 1 11 ? 4.020   -12.651 5.771   1.00 15.80 ? 11  DC  A C5    1 
ATOM   223 C  C6    . DC  A 1 11 ? 5.245   -12.110 5.801   1.00 15.78 ? 11  DC  A C6    1 
ATOM   224 P  P     . DG  A 1 12 ? 10.821  -9.392  7.851   1.00 21.46 ? 12  DG  A P     1 
ATOM   225 O  OP1   . DG  A 1 12 ? 11.275  -7.999  8.061   1.00 22.68 ? 12  DG  A OP1   1 
ATOM   226 O  OP2   . DG  A 1 12 ? 11.777  -10.404 7.342   1.00 22.61 ? 12  DG  A OP2   1 
ATOM   227 O  "O5'" . DG  A 1 12 ? 10.212  -9.923  9.223   1.00 20.12 ? 12  DG  A "O5'" 1 
ATOM   228 C  "C5'" . DG  A 1 12 ? 9.707   -9.012  10.203  1.00 19.06 ? 12  DG  A "C5'" 1 
ATOM   229 C  "C4'" . DG  A 1 12 ? 8.929   -9.765  11.258  1.00 16.18 ? 12  DG  A "C4'" 1 
ATOM   230 O  "O4'" . DG  A 1 12 ? 7.760   -10.346 10.662  1.00 16.38 ? 12  DG  A "O4'" 1 
ATOM   231 C  "C3'" . DG  A 1 12 ? 9.676   -10.940 11.890  1.00 17.06 ? 12  DG  A "C3'" 1 
ATOM   232 O  "O3'" . DG  A 1 12 ? 10.333  -10.543 13.091  1.00 16.57 ? 12  DG  A "O3'" 1 
ATOM   233 C  "C2'" . DG  A 1 12 ? 8.622   -12.032 12.037  1.00 15.94 ? 12  DG  A "C2'" 1 
ATOM   234 C  "C1'" . DG  A 1 12 ? 7.345   -11.400 11.500  1.00 15.68 ? 12  DG  A "C1'" 1 
ATOM   235 N  N9    . DG  A 1 12 ? 6.489   -12.270 10.706  1.00 15.78 ? 12  DG  A N9    1 
ATOM   236 C  C8    . DG  A 1 12 ? 6.864   -13.137 9.707   1.00 16.11 ? 12  DG  A C8    1 
ATOM   237 N  N7    . DG  A 1 12 ? 5.850   -13.724 9.134   1.00 15.61 ? 12  DG  A N7    1 
ATOM   238 C  C5    . DG  A 1 12 ? 4.742   -13.229 9.808   1.00 15.13 ? 12  DG  A C5    1 
ATOM   239 C  C6    . DG  A 1 12 ? 3.363   -13.491 9.627   1.00 15.72 ? 12  DG  A C6    1 
ATOM   240 O  O6    . DG  A 1 12 ? 2.822   -14.240 8.804   1.00 17.10 ? 12  DG  A O6    1 
ATOM   241 N  N1    . DG  A 1 12 ? 2.583   -12.771 10.527  1.00 14.30 ? 12  DG  A N1    1 
ATOM   242 C  C2    . DG  A 1 12 ? 3.071   -11.911 11.483  1.00 13.97 ? 12  DG  A C2    1 
ATOM   243 N  N2    . DG  A 1 12 ? 2.164   -11.317 12.268  1.00 13.03 ? 12  DG  A N2    1 
ATOM   244 N  N3    . DG  A 1 12 ? 4.354   -11.656 11.656  1.00 12.60 ? 12  DG  A N3    1 
ATOM   245 C  C4    . DG  A 1 12 ? 5.126   -12.343 10.791  1.00 14.56 ? 12  DG  A C4    1 
ATOM   246 O  "O5'" . DC  B 1 1  ? -5.935  -14.582 11.326  1.00 29.14 ? 13  DC  B "O5'" 1 
ATOM   247 C  "C5'" . DC  B 1 1  ? -6.035  -14.655 12.748  1.00 26.70 ? 13  DC  B "C5'" 1 
ATOM   248 C  "C4'" . DC  B 1 1  ? -5.260  -13.549 13.427  1.00 26.04 ? 13  DC  B "C4'" 1 
ATOM   249 O  "O4'" . DC  B 1 1  ? -3.855  -13.653 13.100  1.00 24.58 ? 13  DC  B "O4'" 1 
ATOM   250 C  "C3'" . DC  B 1 1  ? -5.669  -12.132 13.037  1.00 26.62 ? 13  DC  B "C3'" 1 
ATOM   251 O  "O3'" . DC  B 1 1  ? -5.512  -11.268 14.166  1.00 28.28 ? 13  DC  B "O3'" 1 
ATOM   252 C  "C2'" . DC  B 1 1  ? -4.687  -11.781 11.934  1.00 25.38 ? 13  DC  B "C2'" 1 
ATOM   253 C  "C1'" . DC  B 1 1  ? -3.422  -12.514 12.368  1.00 23.37 ? 13  DC  B "C1'" 1 
ATOM   254 N  N1    . DC  B 1 1  ? -2.571  -12.994 11.267  1.00 22.42 ? 13  DC  B N1    1 
ATOM   255 C  C2    . DC  B 1 1  ? -1.215  -12.639 11.249  1.00 22.01 ? 13  DC  B C2    1 
ATOM   256 O  O2    . DC  B 1 1  ? -0.775  -11.899 12.140  1.00 20.65 ? 13  DC  B O2    1 
ATOM   257 N  N3    . DC  B 1 1  ? -0.421  -13.110 10.262  1.00 19.88 ? 13  DC  B N3    1 
ATOM   258 C  C4    . DC  B 1 1  ? -0.932  -13.902 9.316   1.00 22.30 ? 13  DC  B C4    1 
ATOM   259 N  N4    . DC  B 1 1  ? -0.109  -14.361 8.372   1.00 21.33 ? 13  DC  B N4    1 
ATOM   260 C  C5    . DC  B 1 1  ? -2.312  -14.264 9.299   1.00 20.28 ? 13  DC  B C5    1 
ATOM   261 C  C6    . DC  B 1 1  ? -3.086  -13.791 10.283  1.00 22.64 ? 13  DC  B C6    1 
ATOM   262 P  P     . DG  B 1 2  ? -6.382  -9.922  14.269  1.00 28.22 ? 14  DG  B P     1 
ATOM   263 O  OP1   . DG  B 1 2  ? -6.980  -9.887  15.630  1.00 28.87 ? 14  DG  B OP1   1 
ATOM   264 O  OP2   . DG  B 1 2  ? -7.259  -9.831  13.077  1.00 28.30 ? 14  DG  B OP2   1 
ATOM   265 O  "O5'" . DG  B 1 2  ? -5.287  -8.768  14.180  1.00 26.70 ? 14  DG  B "O5'" 1 
ATOM   266 C  "C5'" . DG  B 1 2  ? -4.234  -8.699  15.139  1.00 22.61 ? 14  DG  B "C5'" 1 
ATOM   267 C  "C4'" . DG  B 1 2  ? -3.034  -7.994  14.553  1.00 19.03 ? 14  DG  B "C4'" 1 
ATOM   268 O  "O4'" . DG  B 1 2  ? -2.465  -8.784  13.487  1.00 19.15 ? 14  DG  B "O4'" 1 
ATOM   269 C  "C3'" . DG  B 1 2  ? -3.316  -6.613  13.959  1.00 18.60 ? 14  DG  B "C3'" 1 
ATOM   270 O  "O3'" . DG  B 1 2  ? -2.678  -5.615  14.763  1.00 18.24 ? 14  DG  B "O3'" 1 
ATOM   271 C  "C2'" . DG  B 1 2  ? -2.729  -6.664  12.553  1.00 17.90 ? 14  DG  B "C2'" 1 
ATOM   272 C  "C1'" . DG  B 1 2  ? -1.857  -7.910  12.559  1.00 18.14 ? 14  DG  B "C1'" 1 
ATOM   273 N  N9    . DG  B 1 2  ? -1.786  -8.612  11.280  1.00 15.34 ? 14  DG  B N9    1 
ATOM   274 C  C8    . DG  B 1 2  ? -2.842  -9.099  10.553  1.00 15.34 ? 14  DG  B C8    1 
ATOM   275 N  N7    . DG  B 1 2  ? -2.474  -9.723  9.468   1.00 16.99 ? 14  DG  B N7    1 
ATOM   276 C  C5    . DG  B 1 2  ? -1.089  -9.638  9.474   1.00 15.08 ? 14  DG  B C5    1 
ATOM   277 C  C6    . DG  B 1 2  ? -0.133  -10.148 8.556   1.00 14.60 ? 14  DG  B C6    1 
ATOM   278 O  O6    . DG  B 1 2  ? -0.330  -10.810 7.536   1.00 14.60 ? 14  DG  B O6    1 
ATOM   279 N  N1    . DG  B 1 2  ? 1.166   -9.820  8.933   1.00 14.06 ? 14  DG  B N1    1 
ATOM   280 C  C2    . DG  B 1 2  ? 1.505   -9.104  10.055  1.00 13.10 ? 14  DG  B C2    1 
ATOM   281 N  N2    . DG  B 1 2  ? 2.817   -8.873  10.240  1.00 13.75 ? 14  DG  B N2    1 
ATOM   282 N  N3    . DG  B 1 2  ? 0.624   -8.642  10.931  1.00 13.97 ? 14  DG  B N3    1 
ATOM   283 C  C4    . DG  B 1 2  ? -0.645  -8.942  10.578  1.00 15.53 ? 14  DG  B C4    1 
ATOM   284 P  P     . DC  B 1 3  ? -2.813  -4.066  14.372  1.00 18.36 ? 15  DC  B P     1 
ATOM   285 O  OP1   . DC  B 1 3  ? -2.735  -3.292  15.641  1.00 21.40 ? 15  DC  B OP1   1 
ATOM   286 O  OP2   . DC  B 1 3  ? -3.981  -3.890  13.467  1.00 19.74 ? 15  DC  B OP2   1 
ATOM   287 O  "O5'" . DC  B 1 3  ? -1.487  -3.769  13.540  1.00 17.71 ? 15  DC  B "O5'" 1 
ATOM   288 C  "C5'" . DC  B 1 3  ? -0.199  -4.028  14.098  1.00 16.07 ? 15  DC  B "C5'" 1 
ATOM   289 C  "C4'" . DC  B 1 3  ? 0.832   -4.128  12.997  1.00 15.04 ? 15  DC  B "C4'" 1 
ATOM   290 O  "O4'" . DC  B 1 3  ? 0.457   -5.199  12.108  1.00 14.02 ? 15  DC  B "O4'" 1 
ATOM   291 C  "C3'" . DC  B 1 3  ? 0.938   -2.907  12.090  1.00 15.93 ? 15  DC  B "C3'" 1 
ATOM   292 O  "O3'" . DC  B 1 3  ? 1.872   -1.967  12.624  1.00 18.25 ? 15  DC  B "O3'" 1 
ATOM   293 C  "C2'" . DC  B 1 3  ? 1.450   -3.492  10.783  1.00 15.48 ? 15  DC  B "C2'" 1 
ATOM   294 C  "C1'" . DC  B 1 3  ? 1.047   -4.967  10.835  1.00 14.35 ? 15  DC  B "C1'" 1 
ATOM   295 N  N1    . DC  B 1 3  ? 0.084   -5.389  9.803   1.00 14.97 ? 15  DC  B N1    1 
ATOM   296 C  C2    . DC  B 1 3  ? 0.562   -6.077  8.689   1.00 12.27 ? 15  DC  B C2    1 
ATOM   297 O  O2    . DC  B 1 3  ? 1.781   -6.238  8.569   1.00 13.58 ? 15  DC  B O2    1 
ATOM   298 N  N3    . DC  B 1 3  ? -0.315  -6.539  7.769   1.00 11.06 ? 15  DC  B N3    1 
ATOM   299 C  C4    . DC  B 1 3  ? -1.621  -6.307  7.920   1.00 12.90 ? 15  DC  B C4    1 
ATOM   300 N  N4    . DC  B 1 3  ? -2.458  -6.799  7.000   1.00 12.25 ? 15  DC  B N4    1 
ATOM   301 C  C5    . DC  B 1 3  ? -2.131  -5.566  9.024   1.00 12.46 ? 15  DC  B C5    1 
ATOM   302 C  C6    . DC  B 1 3  ? -1.251  -5.131  9.934   1.00 14.64 ? 15  DC  B C6    1 
ATOM   303 P  P     . DG  B 1 4  ? 1.948   -0.485  12.009  1.00 19.14 ? 16  DG  B P     1 
ATOM   304 O  OP1   . DG  B 1 4  ? 2.443   0.425   13.077  1.00 20.65 ? 16  DG  B OP1   1 
ATOM   305 O  OP2   . DG  B 1 4  ? 0.653   -0.190  11.331  1.00 21.26 ? 16  DG  B OP2   1 
ATOM   306 O  "O5'" . DG  B 1 4  ? 3.078   -0.594  10.892  1.00 18.69 ? 16  DG  B "O5'" 1 
ATOM   307 C  "C5'" . DG  B 1 4  ? 4.371   -1.097  11.215  1.00 18.01 ? 16  DG  B "C5'" 1 
ATOM   308 C  "C4'" . DG  B 1 4  ? 5.172   -1.330  9.955   1.00 16.95 ? 16  DG  B "C4'" 1 
ATOM   309 O  "O4'" . DG  B 1 4  ? 4.489   -2.303  9.124   1.00 16.02 ? 16  DG  B "O4'" 1 
ATOM   310 C  "C3'" . DG  B 1 4  ? 5.404   -0.107  9.066   1.00 18.22 ? 16  DG  B "C3'" 1 
ATOM   311 O  "O3'" . DG  B 1 4  ? 6.733   -0.177  8.529   1.00 19.25 ? 16  DG  B "O3'" 1 
ATOM   312 C  "C2'" . DG  B 1 4  ? 4.320   -0.229  8.010   1.00 16.47 ? 16  DG  B "C2'" 1 
ATOM   313 C  "C1'" . DG  B 1 4  ? 4.152   -1.733  7.865   1.00 14.96 ? 16  DG  B "C1'" 1 
ATOM   314 N  N9    . DG  B 1 4  ? 2.796   -2.159  7.520   1.00 12.67 ? 16  DG  B N9    1 
ATOM   315 C  C8    . DG  B 1 4  ? 1.612   -1.657  8.004   1.00 13.16 ? 16  DG  B C8    1 
ATOM   316 N  N7    . DG  B 1 4  ? 0.556   -2.211  7.463   1.00 11.37 ? 16  DG  B N7    1 
ATOM   317 C  C5    . DG  B 1 4  ? 1.076   -3.143  6.574   1.00 10.26 ? 16  DG  B C5    1 
ATOM   318 C  C6    . DG  B 1 4  ? 0.420   -4.040  5.681   1.00 10.89 ? 16  DG  B C6    1 
ATOM   319 O  O6    . DG  B 1 4  ? -0.797  -4.189  5.486   1.00 11.51 ? 16  DG  B O6    1 
ATOM   320 N  N1    . DG  B 1 4  ? 1.334   -4.806  4.967   1.00 9.91  ? 16  DG  B N1    1 
ATOM   321 C  C2    . DG  B 1 4  ? 2.701   -4.723  5.084   1.00 11.99 ? 16  DG  B C2    1 
ATOM   322 N  N2    . DG  B 1 4  ? 3.418   -5.547  4.303   1.00 11.61 ? 16  DG  B N2    1 
ATOM   323 N  N3    . DG  B 1 4  ? 3.322   -3.894  5.905   1.00 12.00 ? 16  DG  B N3    1 
ATOM   324 C  C4    . DG  B 1 4  ? 2.458   -3.137  6.611   1.00 13.11 ? 16  DG  B C4    1 
ATOM   325 P  P     . DA  B 1 5  ? 7.114   0.603   7.173   1.00 19.18 ? 17  DA  B P     1 
ATOM   326 O  OP1   . DA  B 1 5  ? 8.562   0.920   7.284   1.00 19.58 ? 17  DA  B OP1   1 
ATOM   327 O  OP2   . DA  B 1 5  ? 6.144   1.694   6.897   1.00 19.98 ? 17  DA  B OP2   1 
ATOM   328 O  "O5'" . DA  B 1 5  ? 6.947   -0.507  6.046   1.00 17.70 ? 17  DA  B "O5'" 1 
ATOM   329 C  "C5'" . DA  B 1 5  ? 7.590   -1.774  6.162   1.00 16.93 ? 17  DA  B "C5'" 1 
ATOM   330 C  "C4'" . DA  B 1 5  ? 7.498   -2.530  4.856   1.00 16.77 ? 17  DA  B "C4'" 1 
ATOM   331 O  "O4'" . DA  B 1 5  ? 6.124   -2.873  4.564   1.00 18.12 ? 17  DA  B "O4'" 1 
ATOM   332 C  "C3'" . DA  B 1 5  ? 8.008   -1.787  3.626   1.00 19.19 ? 17  DA  B "C3'" 1 
ATOM   333 O  "O3'" . DA  B 1 5  ? 8.637   -2.724  2.749   1.00 21.36 ? 17  DA  B "O3'" 1 
ATOM   334 C  "C2'" . DA  B 1 5  ? 6.742   -1.206  3.019   1.00 17.22 ? 17  DA  B "C2'" 1 
ATOM   335 C  "C1'" . DA  B 1 5  ? 5.700   -2.263  3.348   1.00 15.75 ? 17  DA  B "C1'" 1 
ATOM   336 N  N9    . DA  B 1 5  ? 4.344   -1.757  3.569   1.00 12.38 ? 17  DA  B N9    1 
ATOM   337 C  C8    . DA  B 1 5  ? 3.957   -0.762  4.430   1.00 12.93 ? 17  DA  B C8    1 
ATOM   338 N  N7    . DA  B 1 5  ? 2.658   -0.575  4.475   1.00 10.80 ? 17  DA  B N7    1 
ATOM   339 C  C5    . DA  B 1 5  ? 2.155   -1.502  3.574   1.00 10.38 ? 17  DA  B C5    1 
ATOM   340 C  C6    . DA  B 1 5  ? 0.842   -1.830  3.186   1.00 7.94  ? 17  DA  B C6    1 
ATOM   341 N  N6    . DA  B 1 5  ? -0.250  -1.255  3.696   1.00 10.00 ? 17  DA  B N6    1 
ATOM   342 N  N1    . DA  B 1 5  ? 0.686   -2.793  2.254   1.00 9.72  ? 17  DA  B N1    1 
ATOM   343 C  C2    . DA  B 1 5  ? 1.780   -3.393  1.764   1.00 10.66 ? 17  DA  B C2    1 
ATOM   344 N  N3    . DA  B 1 5  ? 3.062   -3.188  2.064   1.00 9.01  ? 17  DA  B N3    1 
ATOM   345 C  C4    . DA  B 1 5  ? 3.185   -2.219  2.986   1.00 11.22 ? 17  DA  B C4    1 
ATOM   346 P  P     . DA  B 1 6  ? 9.341   -2.207  1.402   1.00 23.53 ? 18  DA  B P     1 
ATOM   347 O  OP1   . DA  B 1 6  ? 10.471  -3.125  1.114   1.00 25.97 ? 18  DA  B OP1   1 
ATOM   348 O  OP2   . DA  B 1 6  ? 9.587   -0.749  1.512   1.00 24.21 ? 18  DA  B OP2   1 
ATOM   349 O  "O5'" . DA  B 1 6  ? 8.233   -2.460  0.289   1.00 21.36 ? 18  DA  B "O5'" 1 
ATOM   350 C  "C5'" . DA  B 1 6  ? 7.770   -3.777  0.014   1.00 18.44 ? 18  DA  B "C5'" 1 
ATOM   351 C  "C4'" . DA  B 1 6  ? 6.629   -3.727  -0.972  1.00 15.70 ? 18  DA  B "C4'" 1 
ATOM   352 O  "O4'" . DA  B 1 6  ? 5.481   -3.104  -0.360  1.00 14.89 ? 18  DA  B "O4'" 1 
ATOM   353 C  "C3'" . DA  B 1 6  ? 6.924   -2.930  -2.245  1.00 17.13 ? 18  DA  B "C3'" 1 
ATOM   354 O  "O3'" . DA  B 1 6  ? 6.948   -3.826  -3.360  1.00 18.95 ? 18  DA  B "O3'" 1 
ATOM   355 C  "C2'" . DA  B 1 6  ? 5.807   -1.892  -2.329  1.00 16.55 ? 18  DA  B "C2'" 1 
ATOM   356 C  "C1'" . DA  B 1 6  ? 4.758   -2.402  -1.352  1.00 13.83 ? 18  DA  B "C1'" 1 
ATOM   357 N  N9    . DA  B 1 6  ? 3.963   -1.379  -0.669  1.00 12.93 ? 18  DA  B N9    1 
ATOM   358 C  C8    . DA  B 1 6  ? 4.409   -0.368  0.144   1.00 12.22 ? 18  DA  B C8    1 
ATOM   359 N  N7    . DA  B 1 6  ? 3.447   0.340   0.687   1.00 10.46 ? 18  DA  B N7    1 
ATOM   360 C  C5    . DA  B 1 6  ? 2.286   -0.234  0.184   1.00 9.77  ? 18  DA  B C5    1 
ATOM   361 C  C6    . DA  B 1 6  ? 0.918   0.046   0.394   1.00 8.12  ? 18  DA  B C6    1 
ATOM   362 N  N6    . DA  B 1 6  ? 0.470   0.984   1.226   1.00 9.99  ? 18  DA  B N6    1 
ATOM   363 N  N1    . DA  B 1 6  ? 0.013   -0.701  -0.284  1.00 9.65  ? 18  DA  B N1    1 
ATOM   364 C  C2    . DA  B 1 6  ? 0.460   -1.672  -1.089  1.00 9.63  ? 18  DA  B C2    1 
ATOM   365 N  N3    . DA  B 1 6  ? 1.718   -2.046  -1.348  1.00 10.45 ? 18  DA  B N3    1 
ATOM   366 C  C4    . DA  B 1 6  ? 2.590   -1.277  -0.674  1.00 11.28 ? 18  DA  B C4    1 
ATOM   367 P  P     . DT  B 1 7  ? 7.120   -3.249  -4.845  1.00 20.66 ? 19  DT  B P     1 
ATOM   368 O  OP1   . DT  B 1 7  ? 7.677   -4.337  -5.685  1.00 20.86 ? 19  DT  B OP1   1 
ATOM   369 O  OP2   . DT  B 1 7  ? 7.816   -1.946  -4.764  1.00 20.66 ? 19  DT  B OP2   1 
ATOM   370 O  "O5'" . DT  B 1 7  ? 5.618   -3.003  -5.304  1.00 19.06 ? 19  DT  B "O5'" 1 
ATOM   371 C  "C5'" . DT  B 1 7  ? 4.649   -4.036  -5.177  1.00 17.48 ? 19  DT  B "C5'" 1 
ATOM   372 C  "C4'" . DT  B 1 7  ? 3.280   -3.499  -5.512  1.00 16.39 ? 19  DT  B "C4'" 1 
ATOM   373 O  "O4'" . DT  B 1 7  ? 2.871   -2.543  -4.515  1.00 15.20 ? 19  DT  B "O4'" 1 
ATOM   374 C  "C3'" . DT  B 1 7  ? 3.198   -2.770  -6.855  1.00 15.95 ? 19  DT  B "C3'" 1 
ATOM   375 O  "O3'" . DT  B 1 7  ? 2.347   -3.503  -7.730  1.00 19.33 ? 19  DT  B "O3'" 1 
ATOM   376 C  "C2'" . DT  B 1 7  ? 2.625   -1.397  -6.519  1.00 16.08 ? 19  DT  B "C2'" 1 
ATOM   377 C  "C1'" . DT  B 1 7  ? 2.033   -1.593  -5.138  1.00 14.12 ? 19  DT  B "C1'" 1 
ATOM   378 N  N1    . DT  B 1 7  ? 2.011   -0.393  -4.281  1.00 12.73 ? 19  DT  B N1    1 
ATOM   379 C  C2    . DT  B 1 7  ? 0.788   0.094   -3.874  1.00 12.22 ? 19  DT  B C2    1 
ATOM   380 O  O2    . DT  B 1 7  ? -0.275  -0.379  -4.242  1.00 12.68 ? 19  DT  B O2    1 
ATOM   381 N  N3    . DT  B 1 7  ? 0.857   1.163   -3.017  1.00 11.28 ? 19  DT  B N3    1 
ATOM   382 C  C4    . DT  B 1 7  ? 2.000   1.789   -2.551  1.00 11.59 ? 19  DT  B C4    1 
ATOM   383 O  O4    . DT  B 1 7  ? 1.907   2.722   -1.758  1.00 12.87 ? 19  DT  B O4    1 
ATOM   384 C  C5    . DT  B 1 7  ? 3.246   1.251   -3.056  1.00 11.13 ? 19  DT  B C5    1 
ATOM   385 C  C7    . DT  B 1 7  ? 4.535   1.883   -2.636  1.00 13.74 ? 19  DT  B C7    1 
ATOM   386 C  C6    . DT  B 1 7  ? 3.189   0.202   -3.882  1.00 12.30 ? 19  DT  B C6    1 
HETATM 387 P  P     . UFR B 1 8  ? 2.151   -3.011  -9.244  1.00 19.33 ? 20  UFR B P     1 
HETATM 388 O  O1P   . UFR B 1 8  ? 1.852   -4.213  -10.063 1.00 21.93 ? 20  UFR B O1P   1 
HETATM 389 O  O2P   . UFR B 1 8  ? 3.288   -2.130  -9.610  1.00 20.28 ? 20  UFR B O2P   1 
HETATM 390 O  "O5'" . UFR B 1 8  ? 0.836   -2.123  -9.170  1.00 18.50 ? 20  UFR B "O5'" 1 
HETATM 391 C  "C5'" . UFR B 1 8  ? -0.352  -2.632  -8.579  1.00 17.05 ? 20  UFR B "C5'" 1 
HETATM 392 C  "C4'" . UFR B 1 8  ? -1.353  -1.517  -8.399  1.00 16.62 ? 20  UFR B "C4'" 1 
HETATM 393 O  "O4'" . UFR B 1 8  ? -0.896  -0.602  -7.381  1.00 16.07 ? 20  UFR B "O4'" 1 
HETATM 394 C  "C3'" . UFR B 1 8  ? -1.606  -0.671  -9.650  1.00 17.60 ? 20  UFR B "C3'" 1 
HETATM 395 O  "O3'" . UFR B 1 8  ? -2.961  -0.844  -10.063 1.00 19.65 ? 20  UFR B "O3'" 1 
HETATM 396 C  "C2'" . UFR B 1 8  ? -1.324  0.761   -9.208  1.00 16.19 ? 20  UFR B "C2'" 1 
HETATM 397 C  "C1'" . UFR B 1 8  ? -1.407  0.674   -7.697  1.00 14.49 ? 20  UFR B "C1'" 1 
HETATM 398 N  N1    . UFR B 1 8  ? -0.616  1.664   -6.954  1.00 12.69 ? 20  UFR B N1    1 
HETATM 399 C  C2    . UFR B 1 8  ? -1.305  2.573   -6.168  1.00 11.30 ? 20  UFR B C2    1 
HETATM 400 O  O2    . UFR B 1 8  ? -2.519  2.620   -6.123  1.00 10.72 ? 20  UFR B O2    1 
HETATM 401 N  N3    . UFR B 1 8  ? -0.513  3.429   -5.445  1.00 12.40 ? 20  UFR B N3    1 
HETATM 402 C  C4    . UFR B 1 8  ? 0.864   3.481   -5.442  1.00 11.46 ? 20  UFR B C4    1 
HETATM 403 O  O4    . UFR B 1 8  ? 1.430   4.250   -4.667  1.00 14.40 ? 20  UFR B O4    1 
HETATM 404 C  C5    . UFR B 1 8  ? 1.507   2.535   -6.317  1.00 12.46 ? 20  UFR B C5    1 
HETATM 405 C  C6    . UFR B 1 8  ? 0.756   1.679   -7.019  1.00 13.60 ? 20  UFR B C6    1 
HETATM 406 C  C7    . UFR B 1 8  ? 2.992   2.615   -6.495  1.00 15.28 ? 20  UFR B C7    1 
HETATM 407 O  O5    . UFR B 1 8  ? 3.666   3.418   -5.845  1.00 17.36 ? 20  UFR B O5    1 
ATOM   408 P  P     . DC  B 1 9  ? -3.496  -0.118  -11.390 1.00 22.18 ? 21  DC  B P     1 
ATOM   409 O  OP1   . DC  B 1 9  ? -4.426  -1.061  -12.059 1.00 23.15 ? 21  DC  B OP1   1 
ATOM   410 O  OP2   . DC  B 1 9  ? -2.353  0.449   -12.149 1.00 23.84 ? 21  DC  B OP2   1 
ATOM   411 O  "O5'" . DC  B 1 9  ? -4.352  1.092   -10.819 1.00 20.14 ? 21  DC  B "O5'" 1 
ATOM   412 C  "C5'" . DC  B 1 9  ? -5.301  0.891   -9.777  1.00 18.78 ? 21  DC  B "C5'" 1 
ATOM   413 C  "C4'" . DC  B 1 9  ? -5.802  2.228   -9.285  1.00 16.15 ? 21  DC  B "C4'" 1 
ATOM   414 O  "O4'" . DC  B 1 9  ? -4.761  2.890   -8.534  1.00 14.14 ? 21  DC  B "O4'" 1 
ATOM   415 C  "C3'" . DC  B 1 9  ? -6.185  3.172   -10.424 1.00 16.97 ? 21  DC  B "C3'" 1 
ATOM   416 O  "O3'" . DC  B 1 9  ? -7.558  3.546   -10.310 1.00 19.68 ? 21  DC  B "O3'" 1 
ATOM   417 C  "C2'" . DC  B 1 9  ? -5.239  4.359   -10.289 1.00 13.05 ? 21  DC  B "C2'" 1 
ATOM   418 C  "C1'" . DC  B 1 9  ? -4.742  4.269   -8.857  1.00 13.87 ? 21  DC  B "C1'" 1 
ATOM   419 N  N1    . DC  B 1 9  ? -3.367  4.749   -8.630  1.00 11.54 ? 21  DC  B N1    1 
ATOM   420 C  C2    . DC  B 1 9  ? -3.146  5.762   -7.683  1.00 9.83  ? 21  DC  B C2    1 
ATOM   421 O  O2    . DC  B 1 9  ? -4.121  6.318   -7.150  1.00 11.33 ? 21  DC  B O2    1 
ATOM   422 N  N3    . DC  B 1 9  ? -1.876  6.114   -7.380  1.00 8.89  ? 21  DC  B N3    1 
ATOM   423 C  C4    . DC  B 1 9  ? -0.851  5.512   -7.987  1.00 10.53 ? 21  DC  B C4    1 
ATOM   424 N  N4    . DC  B 1 9  ? 0.386   5.846   -7.603  1.00 10.68 ? 21  DC  B N4    1 
ATOM   425 C  C5    . DC  B 1 9  ? -1.047  4.530   -9.003  1.00 10.50 ? 21  DC  B C5    1 
ATOM   426 C  C6    . DC  B 1 9  ? -2.311  4.182   -9.291  1.00 10.18 ? 21  DC  B C6    1 
ATOM   427 P  P     . DG  B 1 10 ? -8.347  4.073   -11.602 1.00 22.28 ? 22  DG  B P     1 
ATOM   428 O  OP1   . DG  B 1 10 ? -9.787  3.783   -11.384 1.00 23.84 ? 22  DG  B OP1   1 
ATOM   429 O  OP2   . DG  B 1 10 ? -7.674  3.582   -12.831 1.00 21.65 ? 22  DG  B OP2   1 
ATOM   430 O  "O5'" . DG  B 1 10 ? -8.139  5.648   -11.544 1.00 20.74 ? 22  DG  B "O5'" 1 
ATOM   431 C  "C5'" . DG  B 1 10 ? -8.669  6.415   -10.471 1.00 19.56 ? 22  DG  B "C5'" 1 
ATOM   432 C  "C4'" . DG  B 1 10 ? -8.062  7.798   -10.490 1.00 18.08 ? 22  DG  B "C4'" 1 
ATOM   433 O  "O4'" . DG  B 1 10 ? -6.672  7.744   -10.072 1.00 16.93 ? 22  DG  B "O4'" 1 
ATOM   434 C  "C3'" . DG  B 1 10 ? -8.060  8.469   -11.869 1.00 19.39 ? 22  DG  B "C3'" 1 
ATOM   435 O  "O3'" . DG  B 1 10 ? -8.414  9.846   -11.723 1.00 20.07 ? 22  DG  B "O3'" 1 
ATOM   436 C  "C2'" . DG  B 1 10 ? -6.605  8.382   -12.289 1.00 17.80 ? 22  DG  B "C2'" 1 
ATOM   437 C  "C1'" . DG  B 1 10 ? -5.941  8.577   -10.948 1.00 14.62 ? 22  DG  B "C1'" 1 
ATOM   438 N  N9    . DG  B 1 10 ? -4.531  8.218   -10.866 1.00 11.84 ? 22  DG  B N9    1 
ATOM   439 C  C8    . DG  B 1 10 ? -3.857  7.267   -11.593 1.00 10.65 ? 22  DG  B C8    1 
ATOM   440 N  N7    . DG  B 1 10 ? -2.587  7.200   -11.294 1.00 11.32 ? 22  DG  B N7    1 
ATOM   441 C  C5    . DG  B 1 10 ? -2.414  8.163   -10.308 1.00 8.99  ? 22  DG  B C5    1 
ATOM   442 C  C6    . DG  B 1 10 ? -1.252  8.555   -9.593  1.00 7.99  ? 22  DG  B C6    1 
ATOM   443 O  O6    . DG  B 1 10 ? -0.100  8.120   -9.693  1.00 9.76  ? 22  DG  B O6    1 
ATOM   444 N  N1    . DG  B 1 10 ? -1.531  9.569   -8.686  1.00 8.17  ? 22  DG  B N1    1 
ATOM   445 C  C2    . DG  B 1 10 ? -2.760  10.137  -8.483  1.00 9.50  ? 22  DG  B C2    1 
ATOM   446 N  N2    . DG  B 1 10 ? -2.826  11.114  -7.558  1.00 8.96  ? 22  DG  B N2    1 
ATOM   447 N  N3    . DG  B 1 10 ? -3.851  9.779   -9.136  1.00 10.30 ? 22  DG  B N3    1 
ATOM   448 C  C4    . DG  B 1 10 ? -3.604  8.795   -10.029 1.00 10.35 ? 22  DG  B C4    1 
ATOM   449 P  P     . DC  B 1 11 ? -9.071  10.645  -12.953 1.00 20.89 ? 23  DC  B P     1 
ATOM   450 O  OP1   . DC  B 1 11 ? -10.506 10.265  -13.011 1.00 21.58 ? 23  DC  B OP1   1 
ATOM   451 O  OP2   . DC  B 1 11 ? -8.229  10.499  -14.164 1.00 19.34 ? 23  DC  B OP2   1 
ATOM   452 O  "O5'" . DC  B 1 11 ? -8.988  12.156  -12.455 1.00 19.95 ? 23  DC  B "O5'" 1 
ATOM   453 C  "C5'" . DC  B 1 11 ? -9.516  12.521  -11.180 1.00 17.91 ? 23  DC  B "C5'" 1 
ATOM   454 C  "C4'" . DC  B 1 11 ? -8.490  13.283  -10.372 1.00 17.47 ? 23  DC  B "C4'" 1 
ATOM   455 O  "O4'" . DC  B 1 11 ? -7.365  12.447  -10.023 1.00 15.80 ? 23  DC  B "O4'" 1 
ATOM   456 C  "C3'" . DC  B 1 11 ? -7.870  14.496  -11.052 1.00 16.80 ? 23  DC  B "C3'" 1 
ATOM   457 O  "O3'" . DC  B 1 11 ? -8.717  15.630  -10.891 1.00 18.10 ? 23  DC  B "O3'" 1 
ATOM   458 C  "C2'" . DC  B 1 11 ? -6.589  14.685  -10.264 1.00 16.02 ? 23  DC  B "C2'" 1 
ATOM   459 C  "C1'" . DC  B 1 11 ? -6.196  13.258  -9.898  1.00 16.42 ? 23  DC  B "C1'" 1 
ATOM   460 N  N1    . DC  B 1 11 ? -5.160  12.682  -10.764 1.00 13.41 ? 23  DC  B N1    1 
ATOM   461 C  C2    . DC  B 1 11 ? -3.815  12.931  -10.469 1.00 10.83 ? 23  DC  B C2    1 
ATOM   462 O  O2    . DC  B 1 11 ? -3.533  13.719  -9.540  1.00 10.90 ? 23  DC  B O2    1 
ATOM   463 N  N3    . DC  B 1 11 ? -2.858  12.315  -11.205 1.00 10.52 ? 23  DC  B N3    1 
ATOM   464 C  C4    . DC  B 1 11 ? -3.205  11.504  -12.208 1.00 11.58 ? 23  DC  B C4    1 
ATOM   465 N  N4    . DC  B 1 11 ? -2.232  10.874  -12.875 1.00 14.03 ? 23  DC  B N4    1 
ATOM   466 C  C5    . DC  B 1 11 ? -4.566  11.287  -12.564 1.00 13.18 ? 23  DC  B C5    1 
ATOM   467 C  C6    . DC  B 1 11 ? -5.501  11.889  -11.823 1.00 14.31 ? 23  DC  B C6    1 
ATOM   468 P  P     . DG  B 1 12 ? -8.535  16.902  -11.855 1.00 18.85 ? 24  DG  B P     1 
ATOM   469 O  OP1   . DG  B 1 12 ? -9.700  17.788  -11.598 1.00 20.00 ? 24  DG  B OP1   1 
ATOM   470 O  OP2   . DG  B 1 12 ? -8.276  16.417  -13.233 1.00 19.61 ? 24  DG  B OP2   1 
ATOM   471 O  "O5'" . DG  B 1 12 ? -7.214  17.620  -11.322 1.00 16.75 ? 24  DG  B "O5'" 1 
ATOM   472 C  "C5'" . DG  B 1 12 ? -7.164  18.220  -10.025 1.00 16.19 ? 24  DG  B "C5'" 1 
ATOM   473 C  "C4'" . DG  B 1 12 ? -5.749  18.641  -9.695  1.00 15.34 ? 24  DG  B "C4'" 1 
ATOM   474 O  "O4'" . DG  B 1 12 ? -4.891  17.478  -9.599  1.00 15.47 ? 24  DG  B "O4'" 1 
ATOM   475 C  "C3'" . DG  B 1 12 ? -5.080  19.541  -10.729 1.00 14.66 ? 24  DG  B "C3'" 1 
ATOM   476 O  "O3'" . DG  B 1 12 ? -5.425  20.923  -10.577 1.00 16.02 ? 24  DG  B "O3'" 1 
ATOM   477 C  "C2'" . DG  B 1 12 ? -3.606  19.252  -10.517 1.00 14.97 ? 24  DG  B "C2'" 1 
ATOM   478 C  "C1'" . DG  B 1 12 ? -3.606  17.772  -10.150 1.00 14.77 ? 24  DG  B "C1'" 1 
ATOM   479 N  N9    . DG  B 1 12 ? -3.388  16.862  -11.271 1.00 13.34 ? 24  DG  B N9    1 
ATOM   480 C  C8    . DG  B 1 12 ? -4.333  16.403  -12.157 1.00 13.55 ? 24  DG  B C8    1 
ATOM   481 N  N7    . DG  B 1 12 ? -3.855  15.551  -13.023 1.00 14.51 ? 24  DG  B N7    1 
ATOM   482 C  C5    . DG  B 1 12 ? -2.508  15.450  -12.696 1.00 12.74 ? 24  DG  B C5    1 
ATOM   483 C  C6    . DG  B 1 12 ? -1.479  14.660  -13.275 1.00 13.44 ? 24  DG  B C6    1 
ATOM   484 O  O6    . DG  B 1 12 ? -1.561  13.854  -14.208 1.00 14.36 ? 24  DG  B O6    1 
ATOM   485 N  N1    . DG  B 1 12 ? -0.256  14.873  -12.647 1.00 14.88 ? 24  DG  B N1    1 
ATOM   486 C  C2    . DG  B 1 12 ? -0.047  15.733  -11.595 1.00 14.26 ? 24  DG  B C2    1 
ATOM   487 N  N2    . DG  B 1 12 ? 1.213   15.814  -11.144 1.00 14.33 ? 24  DG  B N2    1 
ATOM   488 N  N3    . DG  B 1 12 ? -1.003  16.461  -11.032 1.00 12.12 ? 24  DG  B N3    1 
ATOM   489 C  C4    . DG  B 1 12 ? -2.199  16.269  -11.630 1.00 12.39 ? 24  DG  B C4    1 
HETATM 490 MG MG    . MG  C 2 .  ? -12.657 4.189   1.510   1.00 13.22 ? 25  MG  A MG    1 
HETATM 491 O  O     . HOH D 3 .  ? -8.703  -0.420  0.833   1.00 13.78 ? 26  HOH A O     1 
HETATM 492 O  O     . HOH D 3 .  ? -13.756 2.087   -2.234  1.00 13.53 ? 28  HOH A O     1 
HETATM 493 O  O     . HOH D 3 .  ? -12.460 7.004   4.593   1.00 13.66 ? 29  HOH A O     1 
HETATM 494 O  O     . HOH D 3 .  ? 4.181   -5.609  0.745   1.00 12.69 ? 30  HOH A O     1 
HETATM 495 O  O     . HOH D 3 .  ? -5.022  -6.510  3.307   1.00 15.62 ? 31  HOH A O     1 
HETATM 496 O  O     . HOH D 3 .  ? -13.339 4.858   -2.691  1.00 17.61 ? 32  HOH A O     1 
HETATM 497 O  O     . HOH D 3 .  ? 4.508   7.211   -7.241  1.00 20.64 ? 33  HOH A O     1 
HETATM 498 O  O     . HOH D 3 .  ? -7.451  4.601   2.127   1.00 14.71 ? 34  HOH A O     1 
HETATM 499 O  O     . HOH D 3 .  ? 1.217   -14.586 4.211   1.00 19.75 ? 35  HOH A O     1 
HETATM 500 O  O     . HOH D 3 .  ? 1.386   -4.707  -2.604  1.00 14.41 ? 36  HOH A O     1 
HETATM 501 O  O     . HOH D 3 .  ? -0.392  8.728   -15.360 1.00 21.06 ? 37  HOH A O     1 
HETATM 502 O  O     . HOH D 3 .  ? 3.931   -5.850  -2.124  1.00 16.74 ? 38  HOH A O     1 
HETATM 503 O  O     . HOH D 3 .  ? 5.268   -8.146  4.123   1.00 16.86 ? 39  HOH A O     1 
HETATM 504 O  O     . HOH D 3 .  ? -2.635  -10.984 2.247   1.00 25.27 ? 40  HOH A O     1 
HETATM 505 O  O     . HOH D 3 .  ? 6.816   8.923   -7.048  1.00 25.52 ? 41  HOH A O     1 
HETATM 506 O  O     . HOH D 3 .  ? 12.026  -12.410 13.654  1.00 20.76 ? 42  HOH A O     1 
HETATM 507 O  O     . HOH D 3 .  ? -16.215 0.825   -2.688  1.00 21.85 ? 43  HOH A O     1 
HETATM 508 O  O     . HOH D 3 .  ? -6.200  5.693   -5.165  1.00 17.81 ? 45  HOH A O     1 
HETATM 509 O  O     . HOH D 3 .  ? -7.276  3.126   -5.671  1.00 20.44 ? 46  HOH A O     1 
HETATM 510 O  O     . HOH D 3 .  ? 0.240   7.780   0.788   1.00 25.61 ? 48  HOH A O     1 
HETATM 511 O  O     . HOH D 3 .  ? -3.138  5.152   2.495   1.00 20.82 ? 50  HOH A O     1 
HETATM 512 O  O     . HOH D 3 .  ? 3.220   6.750   -4.919  1.00 22.03 ? 51  HOH A O     1 
HETATM 513 O  O     . HOH D 3 .  ? 6.160   -7.066  1.779   1.00 20.03 ? 52  HOH A O     1 
HETATM 514 O  O     . HOH D 3 .  ? -2.710  2.083   4.036   1.00 25.63 ? 54  HOH A O     1 
HETATM 515 O  O     . HOH D 3 .  ? 15.902  -6.565  8.320   1.00 25.62 ? 56  HOH A O     1 
HETATM 516 O  O     . HOH D 3 .  ? -4.265  -1.424  4.808   1.00 22.16 ? 57  HOH A O     1 
HETATM 517 O  O     . HOH D 3 .  ? -11.700 -1.545  -4.672  1.00 27.99 ? 58  HOH A O     1 
HETATM 518 O  O     . HOH D 3 .  ? -12.461 9.396   3.367   1.00 20.90 ? 61  HOH A O     1 
HETATM 519 O  O     . HOH D 3 .  ? -5.845  -7.011  0.757   1.00 25.56 ? 68  HOH A O     1 
HETATM 520 O  O     . HOH D 3 .  ? 3.806   13.584  3.164   1.00 43.95 ? 69  HOH A O     1 
HETATM 521 O  O     . HOH D 3 .  ? 9.957   -13.824 8.902   1.00 26.26 ? 71  HOH A O     1 
HETATM 522 O  O     . HOH D 3 .  ? -4.441  -7.558  -7.442  1.00 39.73 ? 72  HOH A O     1 
HETATM 523 O  O     . HOH D 3 .  ? -9.107  2.510   3.012   1.00 21.58 ? 73  HOH A O     1 
HETATM 524 O  O     . HOH D 3 .  ? -11.614 2.291   -5.420  1.00 27.60 ? 74  HOH A O     1 
HETATM 525 O  O     . HOH D 3 .  ? 13.515  -7.456  13.970  1.00 26.86 ? 75  HOH A O     1 
HETATM 526 O  O     . HOH D 3 .  ? -10.207 7.505   5.842   1.00 26.75 ? 77  HOH A O     1 
HETATM 527 O  O     . HOH D 3 .  ? 9.290   -10.376 -0.117  1.00 33.43 ? 78  HOH A O     1 
HETATM 528 O  O     . HOH D 3 .  ? -5.652  -2.976  -7.751  1.00 27.33 ? 81  HOH A O     1 
HETATM 529 O  O     . HOH D 3 .  ? -6.506  -0.282  5.322   1.00 37.67 ? 84  HOH A O     1 
HETATM 530 O  O     . HOH D 3 .  ? -8.782  8.438   3.682   1.00 27.55 ? 85  HOH A O     1 
HETATM 531 O  O     . HOH D 3 .  ? -0.287  4.858   2.029   1.00 25.81 ? 87  HOH A O     1 
HETATM 532 O  O     . HOH D 3 .  ? -7.943  -4.204  -7.429  1.00 42.16 ? 90  HOH A O     1 
HETATM 533 O  O     . HOH D 3 .  ? 6.235   -15.616 7.205   1.00 28.74 ? 96  HOH A O     1 
HETATM 534 O  O     . HOH D 3 .  ? 5.213   4.963   -8.616  1.00 21.92 ? 98  HOH A O     1 
HETATM 535 O  O     . HOH D 3 .  ? -4.382  -1.240  -6.181  1.00 23.89 ? 100 HOH A O     1 
HETATM 536 O  O     . HOH D 3 .  ? 12.042  -9.244  15.494  1.00 24.18 ? 107 HOH A O     1 
HETATM 537 O  O     . HOH D 3 .  ? -0.269  -4.592  -4.581  1.00 27.85 ? 109 HOH A O     1 
HETATM 538 O  O     . HOH D 3 .  ? -9.466  2.267   -6.995  1.00 24.46 ? 110 HOH A O     1 
HETATM 539 O  O     . HOH D 3 .  ? 2.319   6.775   -0.643  1.00 25.82 ? 111 HOH A O     1 
HETATM 540 O  O     . HOH D 3 .  ? -12.087 8.438   8.728   1.00 26.04 ? 112 HOH A O     1 
HETATM 541 O  O     . HOH D 3 .  ? 14.617  -7.596  10.066  1.00 36.46 ? 122 HOH A O     1 
HETATM 542 O  O     . HOH D 3 .  ? 10.798  14.858  -7.882  1.00 41.61 ? 123 HOH A O     1 
HETATM 543 O  O     . HOH D 3 .  ? 6.184   -15.666 4.370   1.00 38.45 ? 125 HOH A O     1 
HETATM 544 O  O     . HOH D 3 .  ? 5.240   -7.757  -3.467  1.00 27.21 ? 128 HOH A O     1 
HETATM 545 O  O     . HOH D 3 .  ? 8.299   -7.802  0.522   1.00 32.79 ? 129 HOH A O     1 
HETATM 546 O  O     . HOH D 3 .  ? -3.513  -5.144  -8.128  1.00 39.16 ? 130 HOH A O     1 
HETATM 547 O  O     . HOH D 3 .  ? 6.159   10.273  -4.395  1.00 33.87 ? 131 HOH A O     1 
HETATM 548 O  O     . HOH D 3 .  ? 13.077  -3.904  8.509   1.00 34.42 ? 136 HOH A O     1 
HETATM 549 O  O     . HOH D 3 .  ? 12.641  -6.274  9.582   1.00 46.07 ? 137 HOH A O     1 
HETATM 550 O  O     . HOH D 3 .  ? 8.841   -15.771 7.460   1.00 36.90 ? 138 HOH A O     1 
HETATM 551 O  O     . HOH D 3 .  ? -1.624  -8.494  -7.113  1.00 36.74 ? 139 HOH A O     1 
HETATM 552 O  O     . HOH D 3 .  ? 13.312  -8.942  11.656  1.00 45.77 ? 142 HOH A O     1 
HETATM 553 O  O     . HOH D 3 .  ? 16.799  -8.647  10.459  1.00 32.61 ? 144 HOH A O     1 
HETATM 554 O  O     . HOH D 3 .  ? -6.067  8.082   4.321   1.00 27.90 ? 146 HOH A O     1 
HETATM 555 O  O     . HOH D 3 .  ? -1.061  9.351   6.386   1.00 38.98 ? 148 HOH A O     1 
HETATM 556 O  O     . HOH D 3 .  ? -10.480 -1.994  -6.966  1.00 31.71 ? 149 HOH A O     1 
HETATM 557 O  O     . HOH D 3 .  ? 2.832   -7.387  -5.756  1.00 35.00 ? 150 HOH A O     1 
HETATM 558 O  O     . HOH D 3 .  ? -4.062  -11.325 -6.710  1.00 32.51 ? 151 HOH A O     1 
HETATM 559 O  O     . HOH D 3 .  ? -7.137  -7.712  -6.470  1.00 39.25 ? 152 HOH A O     1 
HETATM 560 O  O     . HOH D 3 .  ? 9.571   -19.059 8.190   1.00 36.58 ? 153 HOH A O     1 
HETATM 561 O  O     . HOH D 3 .  ? -0.315  -6.277  -6.731  1.00 36.41 ? 154 HOH A O     1 
HETATM 562 O  O     . HOH D 3 .  ? 3.273   8.880   -2.481  1.00 32.78 ? 155 HOH A O     1 
HETATM 563 O  O     . HOH D 3 .  ? -10.844 10.179  6.451   1.00 32.94 ? 157 HOH A O     1 
HETATM 564 O  O     . HOH D 3 .  ? -3.916  -9.105  4.292   1.00 31.27 ? 158 HOH A O     1 
HETATM 565 O  O     . HOH D 3 .  ? -11.846 5.025   -4.939  1.00 40.45 ? 159 HOH A O     1 
HETATM 566 O  O     . HOH D 3 .  ? 14.353  -0.800  6.768   1.00 33.66 ? 163 HOH A O     1 
HETATM 567 O  O     . HOH D 3 .  ? 14.635  -11.659 14.476  1.00 33.53 ? 165 HOH A O     1 
HETATM 568 O  O     . HOH D 3 .  ? -5.535  5.018   4.034   1.00 33.70 ? 168 HOH A O     1 
HETATM 569 O  O     . HOH D 3 .  ? -8.424  -0.453  -7.904  1.00 31.78 ? 171 HOH A O     1 
HETATM 570 O  O     . HOH D 3 .  ? 7.147   -18.463 2.632   1.00 38.55 ? 172 HOH A O     1 
HETATM 571 O  O     . HOH D 3 .  ? 18.062  -2.482  15.490  1.00 34.27 ? 176 HOH A O     1 
HETATM 572 O  O     . HOH D 3 .  ? 21.192  -7.482  16.284  1.00 36.78 ? 177 HOH A O     1 
HETATM 573 O  O     . HOH D 3 .  ? 19.927  -4.913  14.629  1.00 41.31 ? 181 HOH A O     1 
HETATM 574 O  O     . HOH D 3 .  ? 15.945  -6.884  13.445  1.00 40.46 ? 182 HOH A O     1 
HETATM 575 O  O     . HOH D 3 .  ? -2.041  -12.369 -0.757  1.00 37.07 ? 183 HOH A O     1 
HETATM 576 O  O     . HOH D 3 .  ? 6.752   7.803   -1.743  1.00 34.22 ? 184 HOH A O     1 
HETATM 577 O  O     . HOH D 3 .  ? 0.563   -14.478 1.117   1.00 39.51 ? 185 HOH A O     1 
HETATM 578 O  O     . HOH D 3 .  ? 19.857  -8.083  11.799  1.00 37.85 ? 187 HOH A O     1 
HETATM 579 O  O     . HOH D 3 .  ? 2.116   -12.481 -5.980  1.00 44.58 ? 189 HOH A O     1 
HETATM 580 O  O     . HOH D 3 .  ? 13.433  -11.603 11.026  1.00 36.45 ? 190 HOH A O     1 
HETATM 581 O  O     . HOH D 3 .  ? 12.391  -12.319 8.763   1.00 37.12 ? 191 HOH A O     1 
HETATM 582 O  O     . HOH D 3 .  ? -3.276  8.026   2.925   1.00 40.34 ? 192 HOH A O     1 
HETATM 583 O  O     . HOH D 3 .  ? 8.640   15.054  -1.261  1.00 43.83 ? 193 HOH A O     1 
HETATM 584 O  O     . HOH D 3 .  ? -0.966  11.416  4.114   1.00 38.24 ? 194 HOH A O     1 
HETATM 585 O  O     . HOH D 3 .  ? -14.668 2.294   -5.952  1.00 35.48 ? 195 HOH A O     1 
HETATM 586 O  O     . HOH D 3 .  ? 9.709   8.986   -4.153  1.00 35.66 ? 198 HOH A O     1 
HETATM 587 O  O     . HOH D 3 .  ? -0.285  -11.701 -5.165  1.00 42.56 ? 199 HOH A O     1 
HETATM 588 O  O     . HOH D 3 .  ? 9.562   12.385  -5.446  1.00 39.04 ? 200 HOH A O     1 
HETATM 589 O  O     . HOH D 3 .  ? 12.555  12.432  -11.014 1.00 37.65 ? 201 HOH A O     1 
HETATM 590 O  O     . HOH D 3 .  ? 8.873   -11.643 -4.884  1.00 35.28 ? 202 HOH A O     1 
HETATM 591 O  O     . HOH D 3 .  ? 18.410  -7.372  14.533  1.00 45.52 ? 203 HOH A O     1 
HETATM 592 O  O     . HOH D 3 .  ? -12.300 5.211   -0.286  1.00 12.15 ? 205 HOH A O     1 
HETATM 593 O  O     . HOH D 3 .  ? -11.107 2.927   1.194   1.00 12.82 ? 206 HOH A O     1 
HETATM 594 O  O     . HOH D 3 .  ? -11.367 5.405   2.543   1.00 10.14 ? 207 HOH A O     1 
HETATM 595 O  O     . HOH D 3 .  ? -14.184 5.559   1.977   1.00 12.12 ? 208 HOH A O     1 
HETATM 596 O  O     . HOH D 3 .  ? -13.958 2.807   0.455   1.00 13.36 ? 209 HOH A O     1 
HETATM 597 O  O     . HOH D 3 .  ? -13.115 3.232   3.320   1.00 11.88 ? 210 HOH A O     1 
HETATM 598 O  O     . HOH E 3 .  ? 2.504   4.691   -9.224  1.00 12.06 ? 27  HOH B O     1 
HETATM 599 O  O     . HOH E 3 .  ? -3.489  8.915   -15.001 1.00 21.11 ? 44  HOH B O     1 
HETATM 600 O  O     . HOH E 3 .  ? -2.122  -2.347  -4.697  1.00 15.57 ? 47  HOH B O     1 
HETATM 601 O  O     . HOH E 3 .  ? 2.759   0.680   -9.408  1.00 22.64 ? 49  HOH B O     1 
HETATM 602 O  O     . HOH E 3 .  ? 6.107   -0.018  -5.315  1.00 30.61 ? 53  HOH B O     1 
HETATM 603 O  O     . HOH E 3 .  ? -5.087  1.558   -5.471  1.00 15.48 ? 55  HOH B O     1 
HETATM 604 O  O     . HOH E 3 .  ? 7.743   -2.032  13.106  1.00 27.17 ? 59  HOH B O     1 
HETATM 605 O  O     . HOH E 3 .  ? -10.585 3.939   -8.857  1.00 34.44 ? 60  HOH B O     1 
HETATM 606 O  O     . HOH E 3 .  ? 1.704   2.984   2.982   1.00 24.93 ? 62  HOH B O     1 
HETATM 607 O  O     . HOH E 3 .  ? 0.339   -3.085  18.360  1.00 27.52 ? 63  HOH B O     1 
HETATM 608 O  O     . HOH E 3 .  ? -2.681  -3.854  20.079  1.00 22.71 ? 64  HOH B O     1 
HETATM 609 O  O     . HOH E 3 .  ? -0.988  0.770   5.818   1.00 28.45 ? 65  HOH B O     1 
HETATM 610 O  O     . HOH E 3 .  ? -3.150  -3.152  6.481   1.00 25.81 ? 66  HOH B O     1 
HETATM 611 O  O     . HOH E 3 .  ? -3.017  -12.689 5.916   1.00 40.19 ? 67  HOH B O     1 
HETATM 612 O  O     . HOH E 3 .  ? -3.413  -2.523  11.137  1.00 38.57 ? 70  HOH B O     1 
HETATM 613 O  O     . HOH E 3 .  ? 9.127   0.492   10.147  1.00 31.27 ? 76  HOH B O     1 
HETATM 614 O  O     . HOH E 3 .  ? 10.872  -2.561  5.986   1.00 37.06 ? 79  HOH B O     1 
HETATM 615 O  O     . HOH E 3 .  ? -6.178  -13.870 8.164   1.00 36.53 ? 80  HOH B O     1 
HETATM 616 O  O     . HOH E 3 .  ? 1.779   2.646   -11.130 1.00 19.84 ? 82  HOH B O     1 
HETATM 617 O  O     . HOH E 3 .  ? 3.717   4.114   -0.235  1.00 26.65 ? 83  HOH B O     1 
HETATM 618 O  O     . HOH E 3 .  ? -9.745  -12.020 13.520  1.00 39.00 ? 86  HOH B O     1 
HETATM 619 O  O     . HOH E 3 .  ? 6.886   0.451   13.430  1.00 30.39 ? 88  HOH B O     1 
HETATM 620 O  O     . HOH E 3 .  ? -11.479 8.598   -11.507 1.00 40.87 ? 89  HOH B O     1 
HETATM 621 O  O     . HOH E 3 .  ? 5.464   1.296   -11.980 1.00 21.39 ? 91  HOH B O     1 
HETATM 622 O  O     . HOH E 3 .  ? -4.430  -2.679  8.770   1.00 35.19 ? 92  HOH B O     1 
HETATM 623 O  O     . HOH E 3 .  ? -6.148  0.517   15.325  1.00 38.64 ? 93  HOH B O     1 
HETATM 624 O  O     . HOH E 3 .  ? 7.216   -5.883  4.614   1.00 20.30 ? 94  HOH B O     1 
HETATM 625 O  O     . HOH E 3 .  ? -6.163  -2.217  -10.634 1.00 41.57 ? 95  HOH B O     1 
HETATM 626 O  O     . HOH E 3 .  ? 1.677   1.691   5.638   1.00 24.91 ? 97  HOH B O     1 
HETATM 627 O  O     . HOH E 3 .  ? -1.784  -4.790  17.814  1.00 22.02 ? 99  HOH B O     1 
HETATM 628 O  O     . HOH E 3 .  ? 4.266   2.471   2.229   1.00 29.73 ? 101 HOH B O     1 
HETATM 629 O  O     . HOH E 3 .  ? 9.028   -1.357  15.412  1.00 34.35 ? 102 HOH B O     1 
HETATM 630 O  O     . HOH E 3 .  ? 6.141   2.217   4.110   1.00 31.27 ? 103 HOH B O     1 
HETATM 631 O  O     . HOH E 3 .  ? 7.380   1.070   0.067   1.00 24.59 ? 104 HOH B O     1 
HETATM 632 O  O     . HOH E 3 .  ? -5.720  -18.629 7.143   1.00 30.20 ? 105 HOH B O     1 
HETATM 633 O  O     . HOH E 3 .  ? -1.481  -16.580 6.416   1.00 27.92 ? 106 HOH B O     1 
HETATM 634 O  O     . HOH E 3 .  ? -2.710  -15.958 12.824  1.00 28.92 ? 108 HOH B O     1 
HETATM 635 O  O     . HOH E 3 .  ? -6.212  -8.954  11.026  1.00 30.47 ? 113 HOH B O     1 
HETATM 636 O  O     . HOH E 3 .  ? -5.440  -16.480 9.300   1.00 35.40 ? 114 HOH B O     1 
HETATM 637 O  O     . HOH E 3 .  ? 2.078   -2.310  16.215  1.00 32.64 ? 115 HOH B O     1 
HETATM 638 O  O     . HOH E 3 .  ? 3.717   -1.408  -12.378 1.00 27.87 ? 116 HOH B O     1 
HETATM 639 O  O     . HOH E 3 .  ? -4.103  -10.504 7.487   1.00 38.29 ? 117 HOH B O     1 
HETATM 640 O  O     . HOH E 3 .  ? 5.417   -2.043  15.883  1.00 41.89 ? 118 HOH B O     1 
HETATM 641 O  O     . HOH E 3 .  ? 1.359   -0.937  -13.154 1.00 36.38 ? 119 HOH B O     1 
HETATM 642 O  O     . HOH E 3 .  ? 4.408   0.320   14.864  1.00 36.83 ? 120 HOH B O     1 
HETATM 643 O  O     . HOH E 3 .  ? 0.843   -3.070  21.283  1.00 26.05 ? 121 HOH B O     1 
HETATM 644 O  O     . HOH E 3 .  ? -4.700  -16.915 5.330   1.00 32.81 ? 124 HOH B O     1 
HETATM 645 O  O     . HOH E 3 .  ? -3.295  -13.505 3.495   1.00 39.80 ? 126 HOH B O     1 
HETATM 646 O  O     . HOH E 3 .  ? 2.675   3.289   10.120  1.00 36.67 ? 127 HOH B O     1 
HETATM 647 O  O     . HOH E 3 .  ? -1.899  -17.846 8.957   1.00 24.72 ? 132 HOH B O     1 
HETATM 648 O  O     . HOH E 3 .  ? 0.257   -17.739 10.561  1.00 37.37 ? 133 HOH B O     1 
HETATM 649 O  O     . HOH E 3 .  ? -6.835  -7.736  17.569  1.00 36.10 ? 134 HOH B O     1 
HETATM 650 O  O     . HOH E 3 .  ? 10.712  -3.463  -2.460  1.00 42.64 ? 135 HOH B O     1 
HETATM 651 O  O     . HOH E 3 .  ? -3.951  -5.260  -13.793 1.00 37.12 ? 140 HOH B O     1 
HETATM 652 O  O     . HOH E 3 .  ? -5.323  -6.653  7.419   1.00 28.50 ? 141 HOH B O     1 
HETATM 653 O  O     . HOH E 3 .  ? -9.402  -15.235 11.380  1.00 36.01 ? 143 HOH B O     1 
HETATM 654 O  O     . HOH E 3 .  ? -11.690 5.585   -12.305 1.00 37.79 ? 145 HOH B O     1 
HETATM 655 O  O     . HOH E 3 .  ? 11.687  0.721   11.306  1.00 44.46 ? 147 HOH B O     1 
HETATM 656 O  O     . HOH E 3 .  ? -3.352  -14.571 1.261   1.00 45.68 ? 156 HOH B O     1 
HETATM 657 O  O     . HOH E 3 .  ? -5.600  -6.618  10.345  1.00 40.12 ? 160 HOH B O     1 
HETATM 658 O  O     . HOH E 3 .  ? 9.742   -1.396  -6.752  1.00 32.94 ? 161 HOH B O     1 
HETATM 659 O  O     . HOH E 3 .  ? -3.603  -15.352 6.955   1.00 41.38 ? 162 HOH B O     1 
HETATM 660 O  O     . HOH E 3 .  ? 8.544   1.626   2.521   1.00 36.47 ? 164 HOH B O     1 
HETATM 661 O  O     . HOH E 3 .  ? -5.472  -3.442  19.992  1.00 35.26 ? 166 HOH B O     1 
HETATM 662 O  O     . HOH E 3 .  ? -0.740  0.205   -14.107 1.00 39.66 ? 167 HOH B O     1 
HETATM 663 O  O     . HOH E 3 .  ? 7.625   2.115   -5.018  1.00 39.36 ? 169 HOH B O     1 
HETATM 664 O  O     . HOH E 3 .  ? -6.537  -2.042  14.049  1.00 39.87 ? 170 HOH B O     1 
HETATM 665 O  O     . HOH E 3 .  ? 7.400   4.283   12.584  1.00 40.54 ? 173 HOH B O     1 
HETATM 666 O  O     . HOH E 3 .  ? 3.397   3.296   6.779   1.00 41.50 ? 174 HOH B O     1 
HETATM 667 O  O     . HOH E 3 .  ? -5.143  -15.977 0.120   1.00 37.78 ? 175 HOH B O     1 
HETATM 668 O  O     . HOH E 3 .  ? 0.712   -21.755 2.403   1.00 37.52 ? 178 HOH B O     1 
HETATM 669 O  O     . HOH E 3 .  ? 3.120   -18.785 9.877   1.00 34.51 ? 179 HOH B O     1 
HETATM 670 O  O     . HOH E 3 .  ? -8.605  -17.302 4.331   1.00 37.27 ? 180 HOH B O     1 
HETATM 671 O  O     . HOH E 3 .  ? -8.474  -12.678 11.298  1.00 44.60 ? 186 HOH B O     1 
HETATM 672 O  O     . HOH E 3 .  ? 6.500   4.536   -4.670  1.00 46.46 ? 188 HOH B O     1 
HETATM 673 O  O     . HOH E 3 .  ? 9.914   -0.959  -3.476  1.00 42.62 ? 196 HOH B O     1 
HETATM 674 O  O     . HOH E 3 .  ? -1.078  -0.890  19.334  1.00 35.28 ? 197 HOH B O     1 
HETATM 675 O  O     . HOH E 3 .  ? 0.177   -0.100  15.221  1.00 37.83 ? 204 HOH B O     1 
# 
loop_
_pdbx_poly_seq_scheme.asym_id 
_pdbx_poly_seq_scheme.entity_id 
_pdbx_poly_seq_scheme.seq_id 
_pdbx_poly_seq_scheme.mon_id 
_pdbx_poly_seq_scheme.ndb_seq_num 
_pdbx_poly_seq_scheme.pdb_seq_num 
_pdbx_poly_seq_scheme.auth_seq_num 
_pdbx_poly_seq_scheme.pdb_mon_id 
_pdbx_poly_seq_scheme.auth_mon_id 
_pdbx_poly_seq_scheme.pdb_strand_id 
_pdbx_poly_seq_scheme.pdb_ins_code 
_pdbx_poly_seq_scheme.hetero 
A 1 1  DC  1  1  1  DC  C  A . n 
A 1 2  DG  2  2  2  DG  G  A . n 
A 1 3  DC  3  3  3  DC  C  A . n 
A 1 4  DG  4  4  4  DG  G  A . n 
A 1 5  DA  5  5  5  DA  A  A . n 
A 1 6  DA  6  6  6  DA  A  A . n 
A 1 7  DT  7  7  7  DT  T  A . n 
A 1 8  UFR 8  8  8  UFR +U A . n 
A 1 9  DC  9  9  9  DC  C  A . n 
A 1 10 DG  10 10 10 DG  G  A . n 
A 1 11 DC  11 11 11 DC  C  A . n 
A 1 12 DG  12 12 12 DG  G  A . n 
B 1 1  DC  1  13 13 DC  C  B . n 
B 1 2  DG  2  14 14 DG  G  B . n 
B 1 3  DC  3  15 15 DC  C  B . n 
B 1 4  DG  4  16 16 DG  G  B . n 
B 1 5  DA  5  17 17 DA  A  B . n 
B 1 6  DA  6  18 18 DA  A  B . n 
B 1 7  DT  7  19 19 DT  T  B . n 
B 1 8  UFR 8  20 20 UFR +U B . n 
B 1 9  DC  9  21 21 DC  C  B . n 
B 1 10 DG  10 22 22 DG  G  B . n 
B 1 11 DC  11 23 23 DC  C  B . n 
B 1 12 DG  12 24 24 DG  G  B . n 
# 
loop_
_pdbx_nonpoly_scheme.asym_id 
_pdbx_nonpoly_scheme.entity_id 
_pdbx_nonpoly_scheme.mon_id 
_pdbx_nonpoly_scheme.ndb_seq_num 
_pdbx_nonpoly_scheme.pdb_seq_num 
_pdbx_nonpoly_scheme.auth_seq_num 
_pdbx_nonpoly_scheme.pdb_mon_id 
_pdbx_nonpoly_scheme.auth_mon_id 
_pdbx_nonpoly_scheme.pdb_strand_id 
_pdbx_nonpoly_scheme.pdb_ins_code 
C 2 MG  1   25  25  MG  MO6 A . 
D 3 HOH 1   26  26  HOH HOH A . 
D 3 HOH 2   28  28  HOH HOH A . 
D 3 HOH 3   29  29  HOH HOH A . 
D 3 HOH 4   30  30  HOH HOH A . 
D 3 HOH 5   31  31  HOH HOH A . 
D 3 HOH 6   32  32  HOH HOH A . 
D 3 HOH 7   33  33  HOH HOH A . 
D 3 HOH 8   34  34  HOH HOH A . 
D 3 HOH 9   35  35  HOH HOH A . 
D 3 HOH 10  36  36  HOH HOH A . 
D 3 HOH 11  37  37  HOH HOH A . 
D 3 HOH 12  38  38  HOH HOH A . 
D 3 HOH 13  39  39  HOH HOH A . 
D 3 HOH 14  40  40  HOH HOH A . 
D 3 HOH 15  41  41  HOH HOH A . 
D 3 HOH 16  42  42  HOH HOH A . 
D 3 HOH 17  43  43  HOH HOH A . 
D 3 HOH 18  45  45  HOH HOH A . 
D 3 HOH 19  46  46  HOH HOH A . 
D 3 HOH 20  48  48  HOH HOH A . 
D 3 HOH 21  50  50  HOH HOH A . 
D 3 HOH 22  51  51  HOH HOH A . 
D 3 HOH 23  52  52  HOH HOH A . 
D 3 HOH 24  54  54  HOH HOH A . 
D 3 HOH 25  56  56  HOH HOH A . 
D 3 HOH 26  57  57  HOH HOH A . 
D 3 HOH 27  58  58  HOH HOH A . 
D 3 HOH 28  61  61  HOH HOH A . 
D 3 HOH 29  68  68  HOH HOH A . 
D 3 HOH 30  69  69  HOH HOH A . 
D 3 HOH 31  71  71  HOH HOH A . 
D 3 HOH 32  72  72  HOH HOH A . 
D 3 HOH 33  73  73  HOH HOH A . 
D 3 HOH 34  74  74  HOH HOH A . 
D 3 HOH 35  75  75  HOH HOH A . 
D 3 HOH 36  77  77  HOH HOH A . 
D 3 HOH 37  78  78  HOH HOH A . 
D 3 HOH 38  81  81  HOH HOH A . 
D 3 HOH 39  84  84  HOH HOH A . 
D 3 HOH 40  85  85  HOH HOH A . 
D 3 HOH 41  87  87  HOH HOH A . 
D 3 HOH 42  90  90  HOH HOH A . 
D 3 HOH 43  96  96  HOH HOH A . 
D 3 HOH 44  98  98  HOH HOH A . 
D 3 HOH 45  100 100 HOH HOH A . 
D 3 HOH 46  107 107 HOH HOH A . 
D 3 HOH 47  109 109 HOH HOH A . 
D 3 HOH 48  110 110 HOH HOH A . 
D 3 HOH 49  111 111 HOH HOH A . 
D 3 HOH 50  112 112 HOH HOH A . 
D 3 HOH 51  122 122 HOH HOH A . 
D 3 HOH 52  123 123 HOH HOH A . 
D 3 HOH 53  125 125 HOH HOH A . 
D 3 HOH 54  128 128 HOH HOH A . 
D 3 HOH 55  129 129 HOH HOH A . 
D 3 HOH 56  130 130 HOH HOH A . 
D 3 HOH 57  131 131 HOH HOH A . 
D 3 HOH 58  136 136 HOH HOH A . 
D 3 HOH 59  137 137 HOH HOH A . 
D 3 HOH 60  138 138 HOH HOH A . 
D 3 HOH 61  139 139 HOH HOH A . 
D 3 HOH 62  142 142 HOH HOH A . 
D 3 HOH 63  144 144 HOH HOH A . 
D 3 HOH 64  146 146 HOH HOH A . 
D 3 HOH 65  148 148 HOH HOH A . 
D 3 HOH 66  149 149 HOH HOH A . 
D 3 HOH 67  150 150 HOH HOH A . 
D 3 HOH 68  151 151 HOH HOH A . 
D 3 HOH 69  152 152 HOH HOH A . 
D 3 HOH 70  153 153 HOH HOH A . 
D 3 HOH 71  154 154 HOH HOH A . 
D 3 HOH 72  155 155 HOH HOH A . 
D 3 HOH 73  157 157 HOH HOH A . 
D 3 HOH 74  158 158 HOH HOH A . 
D 3 HOH 75  159 159 HOH HOH A . 
D 3 HOH 76  163 163 HOH HOH A . 
D 3 HOH 77  165 165 HOH HOH A . 
D 3 HOH 78  168 168 HOH HOH A . 
D 3 HOH 79  171 171 HOH HOH A . 
D 3 HOH 80  172 172 HOH HOH A . 
D 3 HOH 81  176 176 HOH HOH A . 
D 3 HOH 82  177 177 HOH HOH A . 
D 3 HOH 83  181 181 HOH HOH A . 
D 3 HOH 84  182 182 HOH HOH A . 
D 3 HOH 85  183 183 HOH HOH A . 
D 3 HOH 86  184 184 HOH HOH A . 
D 3 HOH 87  185 185 HOH HOH A . 
D 3 HOH 88  187 187 HOH HOH A . 
D 3 HOH 89  189 189 HOH HOH A . 
D 3 HOH 90  190 190 HOH HOH A . 
D 3 HOH 91  191 191 HOH HOH A . 
D 3 HOH 92  192 192 HOH HOH A . 
D 3 HOH 93  193 193 HOH HOH A . 
D 3 HOH 94  194 194 HOH HOH A . 
D 3 HOH 95  195 195 HOH HOH A . 
D 3 HOH 96  198 198 HOH HOH A . 
D 3 HOH 97  199 199 HOH HOH A . 
D 3 HOH 98  200 200 HOH HOH A . 
D 3 HOH 99  201 201 HOH HOH A . 
D 3 HOH 100 202 202 HOH HOH A . 
D 3 HOH 101 203 203 HOH HOH A . 
D 3 HOH 102 205 25  HOH MO6 A . 
D 3 HOH 103 206 25  HOH MO6 A . 
D 3 HOH 104 207 25  HOH MO6 A . 
D 3 HOH 105 208 25  HOH MO6 A . 
D 3 HOH 106 209 25  HOH MO6 A . 
D 3 HOH 107 210 25  HOH MO6 A . 
E 3 HOH 1   27  27  HOH HOH B . 
E 3 HOH 2   44  44  HOH HOH B . 
E 3 HOH 3   47  47  HOH HOH B . 
E 3 HOH 4   49  49  HOH HOH B . 
E 3 HOH 5   53  53  HOH HOH B . 
E 3 HOH 6   55  55  HOH HOH B . 
E 3 HOH 7   59  59  HOH HOH B . 
E 3 HOH 8   60  60  HOH HOH B . 
E 3 HOH 9   62  62  HOH HOH B . 
E 3 HOH 10  63  63  HOH HOH B . 
E 3 HOH 11  64  64  HOH HOH B . 
E 3 HOH 12  65  65  HOH HOH B . 
E 3 HOH 13  66  66  HOH HOH B . 
E 3 HOH 14  67  67  HOH HOH B . 
E 3 HOH 15  70  70  HOH HOH B . 
E 3 HOH 16  76  76  HOH HOH B . 
E 3 HOH 17  79  79  HOH HOH B . 
E 3 HOH 18  80  80  HOH HOH B . 
E 3 HOH 19  82  82  HOH HOH B . 
E 3 HOH 20  83  83  HOH HOH B . 
E 3 HOH 21  86  86  HOH HOH B . 
E 3 HOH 22  88  88  HOH HOH B . 
E 3 HOH 23  89  89  HOH HOH B . 
E 3 HOH 24  91  91  HOH HOH B . 
E 3 HOH 25  92  92  HOH HOH B . 
E 3 HOH 26  93  93  HOH HOH B . 
E 3 HOH 27  94  94  HOH HOH B . 
E 3 HOH 28  95  95  HOH HOH B . 
E 3 HOH 29  97  97  HOH HOH B . 
E 3 HOH 30  99  99  HOH HOH B . 
E 3 HOH 31  101 101 HOH HOH B . 
E 3 HOH 32  102 102 HOH HOH B . 
E 3 HOH 33  103 103 HOH HOH B . 
E 3 HOH 34  104 104 HOH HOH B . 
E 3 HOH 35  105 105 HOH HOH B . 
E 3 HOH 36  106 106 HOH HOH B . 
E 3 HOH 37  108 108 HOH HOH B . 
E 3 HOH 38  113 113 HOH HOH B . 
E 3 HOH 39  114 114 HOH HOH B . 
E 3 HOH 40  115 115 HOH HOH B . 
E 3 HOH 41  116 116 HOH HOH B . 
E 3 HOH 42  117 117 HOH HOH B . 
E 3 HOH 43  118 118 HOH HOH B . 
E 3 HOH 44  119 119 HOH HOH B . 
E 3 HOH 45  120 120 HOH HOH B . 
E 3 HOH 46  121 121 HOH HOH B . 
E 3 HOH 47  124 124 HOH HOH B . 
E 3 HOH 48  126 126 HOH HOH B . 
E 3 HOH 49  127 127 HOH HOH B . 
E 3 HOH 50  132 132 HOH HOH B . 
E 3 HOH 51  133 133 HOH HOH B . 
E 3 HOH 52  134 134 HOH HOH B . 
E 3 HOH 53  135 135 HOH HOH B . 
E 3 HOH 54  140 140 HOH HOH B . 
E 3 HOH 55  141 141 HOH HOH B . 
E 3 HOH 56  143 143 HOH HOH B . 
E 3 HOH 57  145 145 HOH HOH B . 
E 3 HOH 58  147 147 HOH HOH B . 
E 3 HOH 59  156 156 HOH HOH B . 
E 3 HOH 60  160 160 HOH HOH B . 
E 3 HOH 61  161 161 HOH HOH B . 
E 3 HOH 62  162 162 HOH HOH B . 
E 3 HOH 63  164 164 HOH HOH B . 
E 3 HOH 64  166 166 HOH HOH B . 
E 3 HOH 65  167 167 HOH HOH B . 
E 3 HOH 66  169 169 HOH HOH B . 
E 3 HOH 67  170 170 HOH HOH B . 
E 3 HOH 68  173 173 HOH HOH B . 
E 3 HOH 69  174 174 HOH HOH B . 
E 3 HOH 70  175 175 HOH HOH B . 
E 3 HOH 71  178 178 HOH HOH B . 
E 3 HOH 72  179 179 HOH HOH B . 
E 3 HOH 73  180 180 HOH HOH B . 
E 3 HOH 74  186 186 HOH HOH B . 
E 3 HOH 75  188 188 HOH HOH B . 
E 3 HOH 76  196 196 HOH HOH B . 
E 3 HOH 77  197 197 HOH HOH B . 
E 3 HOH 78  204 204 HOH HOH B . 
# 
loop_
_pdbx_struct_mod_residue.id 
_pdbx_struct_mod_residue.label_asym_id 
_pdbx_struct_mod_residue.label_comp_id 
_pdbx_struct_mod_residue.label_seq_id 
_pdbx_struct_mod_residue.auth_asym_id 
_pdbx_struct_mod_residue.auth_comp_id 
_pdbx_struct_mod_residue.auth_seq_id 
_pdbx_struct_mod_residue.PDB_ins_code 
_pdbx_struct_mod_residue.parent_comp_id 
_pdbx_struct_mod_residue.details 
1 A UFR 8 A UFR 8  ? DU ? 
2 B UFR 8 B UFR 20 ? DU ? 
# 
_pdbx_struct_assembly.id                   1 
_pdbx_struct_assembly.details              author_defined_assembly 
_pdbx_struct_assembly.method_details       ? 
_pdbx_struct_assembly.oligomeric_details   dimeric 
_pdbx_struct_assembly.oligomeric_count     2 
# 
_pdbx_struct_assembly_gen.assembly_id       1 
_pdbx_struct_assembly_gen.oper_expression   1 
_pdbx_struct_assembly_gen.asym_id_list      A,B,C,D,E 
# 
_pdbx_struct_oper_list.id                   1 
_pdbx_struct_oper_list.type                 'identity operation' 
_pdbx_struct_oper_list.name                 1_555 
_pdbx_struct_oper_list.symmetry_operation   x,y,z 
_pdbx_struct_oper_list.matrix[1][1]         1.0000000000 
_pdbx_struct_oper_list.matrix[1][2]         0.0000000000 
_pdbx_struct_oper_list.matrix[1][3]         0.0000000000 
_pdbx_struct_oper_list.vector[1]            0.0000000000 
_pdbx_struct_oper_list.matrix[2][1]         0.0000000000 
_pdbx_struct_oper_list.matrix[2][2]         1.0000000000 
_pdbx_struct_oper_list.matrix[2][3]         0.0000000000 
_pdbx_struct_oper_list.vector[2]            0.0000000000 
_pdbx_struct_oper_list.matrix[3][1]         0.0000000000 
_pdbx_struct_oper_list.matrix[3][2]         0.0000000000 
_pdbx_struct_oper_list.matrix[3][3]         1.0000000000 
_pdbx_struct_oper_list.vector[3]            0.0000000000 
# 
loop_
_pdbx_struct_conn_angle.id 
_pdbx_struct_conn_angle.ptnr1_label_atom_id 
_pdbx_struct_conn_angle.ptnr1_label_alt_id 
_pdbx_struct_conn_angle.ptnr1_label_asym_id 
_pdbx_struct_conn_angle.ptnr1_label_comp_id 
_pdbx_struct_conn_angle.ptnr1_label_seq_id 
_pdbx_struct_conn_angle.ptnr1_auth_atom_id 
_pdbx_struct_conn_angle.ptnr1_auth_asym_id 
_pdbx_struct_conn_angle.ptnr1_auth_comp_id 
_pdbx_struct_conn_angle.ptnr1_auth_seq_id 
_pdbx_struct_conn_angle.ptnr1_PDB_ins_code 
_pdbx_struct_conn_angle.ptnr1_symmetry 
_pdbx_struct_conn_angle.ptnr2_label_atom_id 
_pdbx_struct_conn_angle.ptnr2_label_alt_id 
_pdbx_struct_conn_angle.ptnr2_label_asym_id 
_pdbx_struct_conn_angle.ptnr2_label_comp_id 
_pdbx_struct_conn_angle.ptnr2_label_seq_id 
_pdbx_struct_conn_angle.ptnr2_auth_atom_id 
_pdbx_struct_conn_angle.ptnr2_auth_asym_id 
_pdbx_struct_conn_angle.ptnr2_auth_comp_id 
_pdbx_struct_conn_angle.ptnr2_auth_seq_id 
_pdbx_struct_conn_angle.ptnr2_PDB_ins_code 
_pdbx_struct_conn_angle.ptnr2_symmetry 
_pdbx_struct_conn_angle.ptnr3_label_atom_id 
_pdbx_struct_conn_angle.ptnr3_label_alt_id 
_pdbx_struct_conn_angle.ptnr3_label_asym_id 
_pdbx_struct_conn_angle.ptnr3_label_comp_id 
_pdbx_struct_conn_angle.ptnr3_label_seq_id 
_pdbx_struct_conn_angle.ptnr3_auth_atom_id 
_pdbx_struct_conn_angle.ptnr3_auth_asym_id 
_pdbx_struct_conn_angle.ptnr3_auth_comp_id 
_pdbx_struct_conn_angle.ptnr3_auth_seq_id 
_pdbx_struct_conn_angle.ptnr3_PDB_ins_code 
_pdbx_struct_conn_angle.ptnr3_symmetry 
_pdbx_struct_conn_angle.value 
_pdbx_struct_conn_angle.value_esd 
1  O ? D HOH . ? A HOH 205 ? 1_555 MG ? C MG . ? A MG 25 ? 1_555 O ? D HOH . ? A HOH 206 ? 1_555 92.3  ? 
2  O ? D HOH . ? A HOH 205 ? 1_555 MG ? C MG . ? A MG 25 ? 1_555 O ? D HOH . ? A HOH 207 ? 1_555 92.0  ? 
3  O ? D HOH . ? A HOH 206 ? 1_555 MG ? C MG . ? A MG 25 ? 1_555 O ? D HOH . ? A HOH 207 ? 1_555 88.1  ? 
4  O ? D HOH . ? A HOH 205 ? 1_555 MG ? C MG . ? A MG 25 ? 1_555 O ? D HOH . ? A HOH 208 ? 1_555 89.8  ? 
5  O ? D HOH . ? A HOH 206 ? 1_555 MG ? C MG . ? A MG 25 ? 1_555 O ? D HOH . ? A HOH 208 ? 1_555 175.3 ? 
6  O ? D HOH . ? A HOH 207 ? 1_555 MG ? C MG . ? A MG 25 ? 1_555 O ? D HOH . ? A HOH 208 ? 1_555 87.6  ? 
7  O ? D HOH . ? A HOH 205 ? 1_555 MG ? C MG . ? A MG 25 ? 1_555 O ? D HOH . ? A HOH 209 ? 1_555 89.8  ? 
8  O ? D HOH . ? A HOH 206 ? 1_555 MG ? C MG . ? A MG 25 ? 1_555 O ? D HOH . ? A HOH 209 ? 1_555 89.2  ? 
9  O ? D HOH . ? A HOH 207 ? 1_555 MG ? C MG . ? A MG 25 ? 1_555 O ? D HOH . ? A HOH 209 ? 1_555 176.8 ? 
10 O ? D HOH . ? A HOH 208 ? 1_555 MG ? C MG . ? A MG 25 ? 1_555 O ? D HOH . ? A HOH 209 ? 1_555 95.0  ? 
11 O ? D HOH . ? A HOH 205 ? 1_555 MG ? C MG . ? A MG 25 ? 1_555 O ? D HOH . ? A HOH 210 ? 1_555 176.7 ? 
12 O ? D HOH . ? A HOH 206 ? 1_555 MG ? C MG . ? A MG 25 ? 1_555 O ? D HOH . ? A HOH 210 ? 1_555 91.0  ? 
13 O ? D HOH . ? A HOH 207 ? 1_555 MG ? C MG . ? A MG 25 ? 1_555 O ? D HOH . ? A HOH 210 ? 1_555 88.5  ? 
14 O ? D HOH . ? A HOH 208 ? 1_555 MG ? C MG . ? A MG 25 ? 1_555 O ? D HOH . ? A HOH 210 ? 1_555 87.0  ? 
15 O ? D HOH . ? A HOH 209 ? 1_555 MG ? C MG . ? A MG 25 ? 1_555 O ? D HOH . ? A HOH 210 ? 1_555 89.9  ? 
# 
loop_
_pdbx_audit_revision_history.ordinal 
_pdbx_audit_revision_history.data_content_type 
_pdbx_audit_revision_history.major_revision 
_pdbx_audit_revision_history.minor_revision 
_pdbx_audit_revision_history.revision_date 
1 'Structure model' 1 0 2001-02-05 
2 'Structure model' 1 1 2008-04-27 
3 'Structure model' 1 2 2011-07-13 
4 'Structure model' 1 3 2023-08-09 
# 
_pdbx_audit_revision_details.ordinal             1 
_pdbx_audit_revision_details.revision_ordinal    1 
_pdbx_audit_revision_details.data_content_type   'Structure model' 
_pdbx_audit_revision_details.provider            repository 
_pdbx_audit_revision_details.type                'Initial release' 
_pdbx_audit_revision_details.description         ? 
_pdbx_audit_revision_details.details             ? 
# 
loop_
_pdbx_audit_revision_group.ordinal 
_pdbx_audit_revision_group.revision_ordinal 
_pdbx_audit_revision_group.data_content_type 
_pdbx_audit_revision_group.group 
1 2 'Structure model' 'Version format compliance' 
2 3 'Structure model' 'Version format compliance' 
3 4 'Structure model' 'Data collection'           
4 4 'Structure model' 'Database references'       
5 4 'Structure model' 'Derived calculations'      
6 4 'Structure model' 'Refinement description'    
# 
loop_
_pdbx_audit_revision_category.ordinal 
_pdbx_audit_revision_category.revision_ordinal 
_pdbx_audit_revision_category.data_content_type 
_pdbx_audit_revision_category.category 
1 4 'Structure model' chem_comp_atom                
2 4 'Structure model' chem_comp_bond                
3 4 'Structure model' database_2                    
4 4 'Structure model' pdbx_initial_refinement_model 
5 4 'Structure model' pdbx_struct_conn_angle        
6 4 'Structure model' struct_conn                   
7 4 'Structure model' struct_conn_type              
8 4 'Structure model' struct_site                   
# 
loop_
_pdbx_audit_revision_item.ordinal 
_pdbx_audit_revision_item.revision_ordinal 
_pdbx_audit_revision_item.data_content_type 
_pdbx_audit_revision_item.item 
1  4 'Structure model' '_database_2.pdbx_DOI'                      
2  4 'Structure model' '_database_2.pdbx_database_accession'       
3  4 'Structure model' '_pdbx_struct_conn_angle.ptnr1_auth_seq_id' 
4  4 'Structure model' '_pdbx_struct_conn_angle.ptnr3_auth_seq_id' 
5  4 'Structure model' '_pdbx_struct_conn_angle.value'             
6  4 'Structure model' '_struct_conn.conn_type_id'                 
7  4 'Structure model' '_struct_conn.id'                           
8  4 'Structure model' '_struct_conn.pdbx_dist_value'              
9  4 'Structure model' '_struct_conn.pdbx_leaving_atom_flag'       
10 4 'Structure model' '_struct_conn.ptnr1_auth_asym_id'           
11 4 'Structure model' '_struct_conn.ptnr1_auth_comp_id'           
12 4 'Structure model' '_struct_conn.ptnr1_auth_seq_id'            
13 4 'Structure model' '_struct_conn.ptnr1_label_asym_id'          
14 4 'Structure model' '_struct_conn.ptnr1_label_atom_id'          
15 4 'Structure model' '_struct_conn.ptnr1_label_comp_id'          
16 4 'Structure model' '_struct_conn.ptnr1_label_seq_id'           
17 4 'Structure model' '_struct_conn.ptnr2_auth_asym_id'           
18 4 'Structure model' '_struct_conn.ptnr2_auth_comp_id'           
19 4 'Structure model' '_struct_conn.ptnr2_auth_seq_id'            
20 4 'Structure model' '_struct_conn.ptnr2_label_asym_id'          
21 4 'Structure model' '_struct_conn.ptnr2_label_atom_id'          
22 4 'Structure model' '_struct_conn.ptnr2_label_comp_id'          
23 4 'Structure model' '_struct_conn.ptnr2_label_seq_id'           
24 4 'Structure model' '_struct_conn_type.id'                      
25 4 'Structure model' '_struct_site.pdbx_auth_asym_id'            
26 4 'Structure model' '_struct_site.pdbx_auth_comp_id'            
27 4 'Structure model' '_struct_site.pdbx_auth_seq_id'             
# 
loop_
_software.name 
_software.classification 
_software.version 
_software.citation_id 
_software.pdbx_ordinal 
AMoRE     phasing          .   ? 1 
CNS       refinement       1.0 ? 2 
DENZO     'data reduction' .   ? 3 
SCALEPACK 'data scaling'   .   ? 4 
# 
_pdbx_validate_planes.id              1 
_pdbx_validate_planes.PDB_model_num   1 
_pdbx_validate_planes.auth_comp_id    DC 
_pdbx_validate_planes.auth_asym_id    A 
_pdbx_validate_planes.auth_seq_id     9 
_pdbx_validate_planes.PDB_ins_code    ? 
_pdbx_validate_planes.label_alt_id    ? 
_pdbx_validate_planes.rmsd            0.065 
_pdbx_validate_planes.type            'SIDE CHAIN' 
# 
loop_
_chem_comp_atom.comp_id 
_chem_comp_atom.atom_id 
_chem_comp_atom.type_symbol 
_chem_comp_atom.pdbx_aromatic_flag 
_chem_comp_atom.pdbx_stereo_config 
_chem_comp_atom.pdbx_ordinal 
DA  OP3    O  N N 1   
DA  P      P  N N 2   
DA  OP1    O  N N 3   
DA  OP2    O  N N 4   
DA  "O5'"  O  N N 5   
DA  "C5'"  C  N N 6   
DA  "C4'"  C  N R 7   
DA  "O4'"  O  N N 8   
DA  "C3'"  C  N S 9   
DA  "O3'"  O  N N 10  
DA  "C2'"  C  N N 11  
DA  "C1'"  C  N R 12  
DA  N9     N  Y N 13  
DA  C8     C  Y N 14  
DA  N7     N  Y N 15  
DA  C5     C  Y N 16  
DA  C6     C  Y N 17  
DA  N6     N  N N 18  
DA  N1     N  Y N 19  
DA  C2     C  Y N 20  
DA  N3     N  Y N 21  
DA  C4     C  Y N 22  
DA  HOP3   H  N N 23  
DA  HOP2   H  N N 24  
DA  "H5'"  H  N N 25  
DA  "H5''" H  N N 26  
DA  "H4'"  H  N N 27  
DA  "H3'"  H  N N 28  
DA  "HO3'" H  N N 29  
DA  "H2'"  H  N N 30  
DA  "H2''" H  N N 31  
DA  "H1'"  H  N N 32  
DA  H8     H  N N 33  
DA  H61    H  N N 34  
DA  H62    H  N N 35  
DA  H2     H  N N 36  
DC  OP3    O  N N 37  
DC  P      P  N N 38  
DC  OP1    O  N N 39  
DC  OP2    O  N N 40  
DC  "O5'"  O  N N 41  
DC  "C5'"  C  N N 42  
DC  "C4'"  C  N R 43  
DC  "O4'"  O  N N 44  
DC  "C3'"  C  N S 45  
DC  "O3'"  O  N N 46  
DC  "C2'"  C  N N 47  
DC  "C1'"  C  N R 48  
DC  N1     N  N N 49  
DC  C2     C  N N 50  
DC  O2     O  N N 51  
DC  N3     N  N N 52  
DC  C4     C  N N 53  
DC  N4     N  N N 54  
DC  C5     C  N N 55  
DC  C6     C  N N 56  
DC  HOP3   H  N N 57  
DC  HOP2   H  N N 58  
DC  "H5'"  H  N N 59  
DC  "H5''" H  N N 60  
DC  "H4'"  H  N N 61  
DC  "H3'"  H  N N 62  
DC  "HO3'" H  N N 63  
DC  "H2'"  H  N N 64  
DC  "H2''" H  N N 65  
DC  "H1'"  H  N N 66  
DC  H41    H  N N 67  
DC  H42    H  N N 68  
DC  H5     H  N N 69  
DC  H6     H  N N 70  
DG  OP3    O  N N 71  
DG  P      P  N N 72  
DG  OP1    O  N N 73  
DG  OP2    O  N N 74  
DG  "O5'"  O  N N 75  
DG  "C5'"  C  N N 76  
DG  "C4'"  C  N R 77  
DG  "O4'"  O  N N 78  
DG  "C3'"  C  N S 79  
DG  "O3'"  O  N N 80  
DG  "C2'"  C  N N 81  
DG  "C1'"  C  N R 82  
DG  N9     N  Y N 83  
DG  C8     C  Y N 84  
DG  N7     N  Y N 85  
DG  C5     C  Y N 86  
DG  C6     C  N N 87  
DG  O6     O  N N 88  
DG  N1     N  N N 89  
DG  C2     C  N N 90  
DG  N2     N  N N 91  
DG  N3     N  N N 92  
DG  C4     C  Y N 93  
DG  HOP3   H  N N 94  
DG  HOP2   H  N N 95  
DG  "H5'"  H  N N 96  
DG  "H5''" H  N N 97  
DG  "H4'"  H  N N 98  
DG  "H3'"  H  N N 99  
DG  "HO3'" H  N N 100 
DG  "H2'"  H  N N 101 
DG  "H2''" H  N N 102 
DG  "H1'"  H  N N 103 
DG  H8     H  N N 104 
DG  H1     H  N N 105 
DG  H21    H  N N 106 
DG  H22    H  N N 107 
DT  OP3    O  N N 108 
DT  P      P  N N 109 
DT  OP1    O  N N 110 
DT  OP2    O  N N 111 
DT  "O5'"  O  N N 112 
DT  "C5'"  C  N N 113 
DT  "C4'"  C  N R 114 
DT  "O4'"  O  N N 115 
DT  "C3'"  C  N S 116 
DT  "O3'"  O  N N 117 
DT  "C2'"  C  N N 118 
DT  "C1'"  C  N R 119 
DT  N1     N  N N 120 
DT  C2     C  N N 121 
DT  O2     O  N N 122 
DT  N3     N  N N 123 
DT  C4     C  N N 124 
DT  O4     O  N N 125 
DT  C5     C  N N 126 
DT  C7     C  N N 127 
DT  C6     C  N N 128 
DT  HOP3   H  N N 129 
DT  HOP2   H  N N 130 
DT  "H5'"  H  N N 131 
DT  "H5''" H  N N 132 
DT  "H4'"  H  N N 133 
DT  "H3'"  H  N N 134 
DT  "HO3'" H  N N 135 
DT  "H2'"  H  N N 136 
DT  "H2''" H  N N 137 
DT  "H1'"  H  N N 138 
DT  H3     H  N N 139 
DT  H71    H  N N 140 
DT  H72    H  N N 141 
DT  H73    H  N N 142 
DT  H6     H  N N 143 
HOH O      O  N N 144 
HOH H1     H  N N 145 
HOH H2     H  N N 146 
MG  MG     MG N N 147 
UFR O3P    O  N N 148 
UFR P      P  N N 149 
UFR O1P    O  N N 150 
UFR O2P    O  N N 151 
UFR "O5'"  O  N N 152 
UFR "C5'"  C  N N 153 
UFR "C4'"  C  N R 154 
UFR "O4'"  O  N N 155 
UFR "C3'"  C  N S 156 
UFR "O3'"  O  N N 157 
UFR "C2'"  C  N N 158 
UFR "C1'"  C  N R 159 
UFR N1     N  N N 160 
UFR C2     C  N N 161 
UFR O2     O  N N 162 
UFR N3     N  N N 163 
UFR C4     C  N N 164 
UFR O4     O  N N 165 
UFR C5     C  N N 166 
UFR C6     C  N N 167 
UFR C7     C  N N 168 
UFR O5     O  N N 169 
UFR HO1P   H  N N 170 
UFR HO2P   H  N N 171 
UFR "H5'1" H  N N 172 
UFR "H5'2" H  N N 173 
UFR "H4'"  H  N N 174 
UFR "H3'"  H  N N 175 
UFR "HO3'" H  N N 176 
UFR "H2'1" H  N N 177 
UFR "H2'2" H  N N 178 
UFR "H1'"  H  N N 179 
UFR HN3    H  N N 180 
UFR H6     H  N N 181 
UFR H7     H  N N 182 
# 
loop_
_chem_comp_bond.comp_id 
_chem_comp_bond.atom_id_1 
_chem_comp_bond.atom_id_2 
_chem_comp_bond.value_order 
_chem_comp_bond.pdbx_aromatic_flag 
_chem_comp_bond.pdbx_stereo_config 
_chem_comp_bond.pdbx_ordinal 
DA  OP3   P      sing N N 1   
DA  OP3   HOP3   sing N N 2   
DA  P     OP1    doub N N 3   
DA  P     OP2    sing N N 4   
DA  P     "O5'"  sing N N 5   
DA  OP2   HOP2   sing N N 6   
DA  "O5'" "C5'"  sing N N 7   
DA  "C5'" "C4'"  sing N N 8   
DA  "C5'" "H5'"  sing N N 9   
DA  "C5'" "H5''" sing N N 10  
DA  "C4'" "O4'"  sing N N 11  
DA  "C4'" "C3'"  sing N N 12  
DA  "C4'" "H4'"  sing N N 13  
DA  "O4'" "C1'"  sing N N 14  
DA  "C3'" "O3'"  sing N N 15  
DA  "C3'" "C2'"  sing N N 16  
DA  "C3'" "H3'"  sing N N 17  
DA  "O3'" "HO3'" sing N N 18  
DA  "C2'" "C1'"  sing N N 19  
DA  "C2'" "H2'"  sing N N 20  
DA  "C2'" "H2''" sing N N 21  
DA  "C1'" N9     sing N N 22  
DA  "C1'" "H1'"  sing N N 23  
DA  N9    C8     sing Y N 24  
DA  N9    C4     sing Y N 25  
DA  C8    N7     doub Y N 26  
DA  C8    H8     sing N N 27  
DA  N7    C5     sing Y N 28  
DA  C5    C6     sing Y N 29  
DA  C5    C4     doub Y N 30  
DA  C6    N6     sing N N 31  
DA  C6    N1     doub Y N 32  
DA  N6    H61    sing N N 33  
DA  N6    H62    sing N N 34  
DA  N1    C2     sing Y N 35  
DA  C2    N3     doub Y N 36  
DA  C2    H2     sing N N 37  
DA  N3    C4     sing Y N 38  
DC  OP3   P      sing N N 39  
DC  OP3   HOP3   sing N N 40  
DC  P     OP1    doub N N 41  
DC  P     OP2    sing N N 42  
DC  P     "O5'"  sing N N 43  
DC  OP2   HOP2   sing N N 44  
DC  "O5'" "C5'"  sing N N 45  
DC  "C5'" "C4'"  sing N N 46  
DC  "C5'" "H5'"  sing N N 47  
DC  "C5'" "H5''" sing N N 48  
DC  "C4'" "O4'"  sing N N 49  
DC  "C4'" "C3'"  sing N N 50  
DC  "C4'" "H4'"  sing N N 51  
DC  "O4'" "C1'"  sing N N 52  
DC  "C3'" "O3'"  sing N N 53  
DC  "C3'" "C2'"  sing N N 54  
DC  "C3'" "H3'"  sing N N 55  
DC  "O3'" "HO3'" sing N N 56  
DC  "C2'" "C1'"  sing N N 57  
DC  "C2'" "H2'"  sing N N 58  
DC  "C2'" "H2''" sing N N 59  
DC  "C1'" N1     sing N N 60  
DC  "C1'" "H1'"  sing N N 61  
DC  N1    C2     sing N N 62  
DC  N1    C6     sing N N 63  
DC  C2    O2     doub N N 64  
DC  C2    N3     sing N N 65  
DC  N3    C4     doub N N 66  
DC  C4    N4     sing N N 67  
DC  C4    C5     sing N N 68  
DC  N4    H41    sing N N 69  
DC  N4    H42    sing N N 70  
DC  C5    C6     doub N N 71  
DC  C5    H5     sing N N 72  
DC  C6    H6     sing N N 73  
DG  OP3   P      sing N N 74  
DG  OP3   HOP3   sing N N 75  
DG  P     OP1    doub N N 76  
DG  P     OP2    sing N N 77  
DG  P     "O5'"  sing N N 78  
DG  OP2   HOP2   sing N N 79  
DG  "O5'" "C5'"  sing N N 80  
DG  "C5'" "C4'"  sing N N 81  
DG  "C5'" "H5'"  sing N N 82  
DG  "C5'" "H5''" sing N N 83  
DG  "C4'" "O4'"  sing N N 84  
DG  "C4'" "C3'"  sing N N 85  
DG  "C4'" "H4'"  sing N N 86  
DG  "O4'" "C1'"  sing N N 87  
DG  "C3'" "O3'"  sing N N 88  
DG  "C3'" "C2'"  sing N N 89  
DG  "C3'" "H3'"  sing N N 90  
DG  "O3'" "HO3'" sing N N 91  
DG  "C2'" "C1'"  sing N N 92  
DG  "C2'" "H2'"  sing N N 93  
DG  "C2'" "H2''" sing N N 94  
DG  "C1'" N9     sing N N 95  
DG  "C1'" "H1'"  sing N N 96  
DG  N9    C8     sing Y N 97  
DG  N9    C4     sing Y N 98  
DG  C8    N7     doub Y N 99  
DG  C8    H8     sing N N 100 
DG  N7    C5     sing Y N 101 
DG  C5    C6     sing N N 102 
DG  C5    C4     doub Y N 103 
DG  C6    O6     doub N N 104 
DG  C6    N1     sing N N 105 
DG  N1    C2     sing N N 106 
DG  N1    H1     sing N N 107 
DG  C2    N2     sing N N 108 
DG  C2    N3     doub N N 109 
DG  N2    H21    sing N N 110 
DG  N2    H22    sing N N 111 
DG  N3    C4     sing N N 112 
DT  OP3   P      sing N N 113 
DT  OP3   HOP3   sing N N 114 
DT  P     OP1    doub N N 115 
DT  P     OP2    sing N N 116 
DT  P     "O5'"  sing N N 117 
DT  OP2   HOP2   sing N N 118 
DT  "O5'" "C5'"  sing N N 119 
DT  "C5'" "C4'"  sing N N 120 
DT  "C5'" "H5'"  sing N N 121 
DT  "C5'" "H5''" sing N N 122 
DT  "C4'" "O4'"  sing N N 123 
DT  "C4'" "C3'"  sing N N 124 
DT  "C4'" "H4'"  sing N N 125 
DT  "O4'" "C1'"  sing N N 126 
DT  "C3'" "O3'"  sing N N 127 
DT  "C3'" "C2'"  sing N N 128 
DT  "C3'" "H3'"  sing N N 129 
DT  "O3'" "HO3'" sing N N 130 
DT  "C2'" "C1'"  sing N N 131 
DT  "C2'" "H2'"  sing N N 132 
DT  "C2'" "H2''" sing N N 133 
DT  "C1'" N1     sing N N 134 
DT  "C1'" "H1'"  sing N N 135 
DT  N1    C2     sing N N 136 
DT  N1    C6     sing N N 137 
DT  C2    O2     doub N N 138 
DT  C2    N3     sing N N 139 
DT  N3    C4     sing N N 140 
DT  N3    H3     sing N N 141 
DT  C4    O4     doub N N 142 
DT  C4    C5     sing N N 143 
DT  C5    C7     sing N N 144 
DT  C5    C6     doub N N 145 
DT  C7    H71    sing N N 146 
DT  C7    H72    sing N N 147 
DT  C7    H73    sing N N 148 
DT  C6    H6     sing N N 149 
HOH O     H1     sing N N 150 
HOH O     H2     sing N N 151 
UFR O3P   P      doub N N 152 
UFR P     O1P    sing N N 153 
UFR P     O2P    sing N N 154 
UFR P     "O5'"  sing N N 155 
UFR O1P   HO1P   sing N N 156 
UFR O2P   HO2P   sing N N 157 
UFR "O5'" "C5'"  sing N N 158 
UFR "C5'" "C4'"  sing N N 159 
UFR "C5'" "H5'1" sing N N 160 
UFR "C5'" "H5'2" sing N N 161 
UFR "C4'" "O4'"  sing N N 162 
UFR "C4'" "C3'"  sing N N 163 
UFR "C4'" "H4'"  sing N N 164 
UFR "O4'" "C1'"  sing N N 165 
UFR "C3'" "O3'"  sing N N 166 
UFR "C3'" "C2'"  sing N N 167 
UFR "C3'" "H3'"  sing N N 168 
UFR "O3'" "HO3'" sing N N 169 
UFR "C2'" "C1'"  sing N N 170 
UFR "C2'" "H2'1" sing N N 171 
UFR "C2'" "H2'2" sing N N 172 
UFR "C1'" N1     sing N N 173 
UFR "C1'" "H1'"  sing N N 174 
UFR N1    C2     sing N N 175 
UFR N1    C6     sing N N 176 
UFR C2    O2     doub N N 177 
UFR C2    N3     sing N N 178 
UFR N3    C4     sing N N 179 
UFR N3    HN3    sing N N 180 
UFR C4    O4     doub N N 181 
UFR C4    C5     sing N N 182 
UFR C5    C6     doub N N 183 
UFR C5    C7     sing N N 184 
UFR C6    H6     sing N N 185 
UFR C7    O5     doub N N 186 
UFR C7    H7     sing N N 187 
# 
loop_
_ndb_struct_conf_na.entry_id 
_ndb_struct_conf_na.feature 
1G8N 'double helix'        
1G8N 'b-form double helix' 
# 
loop_
_ndb_struct_na_base_pair.model_number 
_ndb_struct_na_base_pair.i_label_asym_id 
_ndb_struct_na_base_pair.i_label_comp_id 
_ndb_struct_na_base_pair.i_label_seq_id 
_ndb_struct_na_base_pair.i_symmetry 
_ndb_struct_na_base_pair.j_label_asym_id 
_ndb_struct_na_base_pair.j_label_comp_id 
_ndb_struct_na_base_pair.j_label_seq_id 
_ndb_struct_na_base_pair.j_symmetry 
_ndb_struct_na_base_pair.shear 
_ndb_struct_na_base_pair.stretch 
_ndb_struct_na_base_pair.stagger 
_ndb_struct_na_base_pair.buckle 
_ndb_struct_na_base_pair.propeller 
_ndb_struct_na_base_pair.opening 
_ndb_struct_na_base_pair.pair_number 
_ndb_struct_na_base_pair.pair_name 
_ndb_struct_na_base_pair.i_auth_asym_id 
_ndb_struct_na_base_pair.i_auth_seq_id 
_ndb_struct_na_base_pair.i_PDB_ins_code 
_ndb_struct_na_base_pair.j_auth_asym_id 
_ndb_struct_na_base_pair.j_auth_seq_id 
_ndb_struct_na_base_pair.j_PDB_ins_code 
_ndb_struct_na_base_pair.hbond_type_28 
_ndb_struct_na_base_pair.hbond_type_12 
1 A DC  1  1_555 B DG  12 1_555 0.384  -0.127 0.081 6.701   -19.645 1.160  1  A_DC1:DG24_B  A 1  ? B 24 ? 19 1 
1 A DG  2  1_555 B DC  11 1_555 -0.240 -0.180 0.599 9.888   -10.558 -3.078 2  A_DG2:DC23_B  A 2  ? B 23 ? 19 1 
1 A DC  3  1_555 B DG  10 1_555 0.179  -0.149 0.210 -0.655  -6.747  -0.389 3  A_DC3:DG22_B  A 3  ? B 22 ? 19 1 
1 A DG  4  1_555 B DC  9  1_555 -0.320 -0.053 0.054 12.002  -12.625 2.053  4  A_DG4:DC21_B  A 4  ? B 21 ? 19 1 
1 A DA  5  1_555 B UFR 8  1_555 -0.004 -0.088 0.237 7.550   -16.464 1.324  5  A_DA5:UFR20_B A 5  ? B 20 ? 20 1 
1 A DA  6  1_555 B DT  7  1_555 0.020  -0.069 0.239 0.475   -19.578 6.207  6  A_DA6:DT19_B  A 6  ? B 19 ? 20 1 
1 A DT  7  1_555 B DA  6  1_555 -0.042 -0.120 0.188 -3.035  -16.623 4.126  7  A_DT7:DA18_B  A 7  ? B 18 ? 20 1 
1 A UFR 8  1_555 B DA  5  1_555 0.005  -0.103 0.154 -4.802  -13.290 3.892  8  A_UFR8:DA17_B A 8  ? B 17 ? 20 1 
1 A DC  9  1_555 B DG  4  1_555 0.235  -0.048 0.078 -12.023 -9.639  -1.329 9  A_DC9:DG16_B  A 9  ? B 16 ? 19 1 
1 A DG  10 1_555 B DC  3  1_555 -0.085 -0.148 0.338 9.254   -7.732  2.001  10 A_DG10:DC15_B A 10 ? B 15 ? 19 1 
1 A DC  11 1_555 B DG  2  1_555 0.073  -0.181 0.338 1.784   -22.609 -4.409 11 A_DC11:DG14_B A 11 ? B 14 ? 19 1 
1 A DG  12 1_555 B DC  1  1_555 -0.105 -0.022 0.499 8.607   -6.439  -2.718 12 A_DG12:DC13_B A 12 ? B 13 ? 19 1 
# 
loop_
_ndb_struct_na_base_pair_step.model_number 
_ndb_struct_na_base_pair_step.i_label_asym_id_1 
_ndb_struct_na_base_pair_step.i_label_comp_id_1 
_ndb_struct_na_base_pair_step.i_label_seq_id_1 
_ndb_struct_na_base_pair_step.i_symmetry_1 
_ndb_struct_na_base_pair_step.j_label_asym_id_1 
_ndb_struct_na_base_pair_step.j_label_comp_id_1 
_ndb_struct_na_base_pair_step.j_label_seq_id_1 
_ndb_struct_na_base_pair_step.j_symmetry_1 
_ndb_struct_na_base_pair_step.i_label_asym_id_2 
_ndb_struct_na_base_pair_step.i_label_comp_id_2 
_ndb_struct_na_base_pair_step.i_label_seq_id_2 
_ndb_struct_na_base_pair_step.i_symmetry_2 
_ndb_struct_na_base_pair_step.j_label_asym_id_2 
_ndb_struct_na_base_pair_step.j_label_comp_id_2 
_ndb_struct_na_base_pair_step.j_label_seq_id_2 
_ndb_struct_na_base_pair_step.j_symmetry_2 
_ndb_struct_na_base_pair_step.shift 
_ndb_struct_na_base_pair_step.slide 
_ndb_struct_na_base_pair_step.rise 
_ndb_struct_na_base_pair_step.tilt 
_ndb_struct_na_base_pair_step.roll 
_ndb_struct_na_base_pair_step.twist 
_ndb_struct_na_base_pair_step.x_displacement 
_ndb_struct_na_base_pair_step.y_displacement 
_ndb_struct_na_base_pair_step.helical_rise 
_ndb_struct_na_base_pair_step.inclination 
_ndb_struct_na_base_pair_step.tip 
_ndb_struct_na_base_pair_step.helical_twist 
_ndb_struct_na_base_pair_step.step_number 
_ndb_struct_na_base_pair_step.step_name 
_ndb_struct_na_base_pair_step.i_auth_asym_id_1 
_ndb_struct_na_base_pair_step.i_auth_seq_id_1 
_ndb_struct_na_base_pair_step.i_PDB_ins_code_1 
_ndb_struct_na_base_pair_step.j_auth_asym_id_1 
_ndb_struct_na_base_pair_step.j_auth_seq_id_1 
_ndb_struct_na_base_pair_step.j_PDB_ins_code_1 
_ndb_struct_na_base_pair_step.i_auth_asym_id_2 
_ndb_struct_na_base_pair_step.i_auth_seq_id_2 
_ndb_struct_na_base_pair_step.i_PDB_ins_code_2 
_ndb_struct_na_base_pair_step.j_auth_asym_id_2 
_ndb_struct_na_base_pair_step.j_auth_seq_id_2 
_ndb_struct_na_base_pair_step.j_PDB_ins_code_2 
1 A DC  1  1_555 B DG  12 1_555 A DG  2  1_555 B DC  11 1_555 -0.197 -0.029 3.200 -4.903 6.817   34.149 -1.049 -0.394 3.134 11.395 
8.196  35.136 1  AA_DC1DG2:DC23DG24_BB   A 1  ? B 24 ? A 2  ? B 23 ? 
1 A DG  2  1_555 B DC  11 1_555 A DC  3  1_555 B DG  10 1_555 0.604  0.439  3.637 4.207  -7.941  41.542 1.501  -0.360 3.540 
-11.040 -5.849 42.460 2  AA_DG2DC3:DG22DC23_BB   A 2  ? B 23 ? A 3  ? B 22 ? 
1 A DC  3  1_555 B DG  10 1_555 A DG  4  1_555 B DC  9  1_555 -0.241 0.726  3.060 2.390  10.447  26.255 -0.875 1.033  3.084 21.876 
-5.003 28.322 3  AA_DC3DG4:DC21DG22_BB   A 3  ? B 22 ? A 4  ? B 21 ? 
1 A DG  4  1_555 B DC  9  1_555 A DA  5  1_555 B UFR 8  1_555 0.127  -0.218 3.276 -1.226 1.642   38.925 -0.525 -0.338 3.259 2.463 
1.839  38.977 4  AA_DG4DA5:UFR20DC21_BB  A 4  ? B 21 ? A 5  ? B 20 ? 
1 A DA  5  1_555 B UFR 8  1_555 A DA  6  1_555 B DT  7  1_555 0.055  -0.607 3.342 0.241  1.443   35.131 -1.224 -0.055 3.315 2.390 
-0.398 35.161 5  AA_DA5DA6:DT19UFR20_BB  A 5  ? B 20 ? A 6  ? B 19 ? 
1 A DA  6  1_555 B DT  7  1_555 A DT  7  1_555 B DA  6  1_555 -0.006 -0.687 3.249 0.211  -1.108  31.967 -1.047 0.050  3.271 -2.011 
-0.382 31.986 6  AA_DA6DT7:DA18DT19_BB   A 6  ? B 19 ? A 7  ? B 18 ? 
1 A DT  7  1_555 B DA  6  1_555 A UFR 8  1_555 B DA  5  1_555 0.018  -0.519 3.250 0.764  -2.342  35.116 -0.510 0.084  3.276 -3.875 
-1.264 35.199 7  AA_DT7UFR8:DA17DA18_BB  A 7  ? B 18 ? A 8  ? B 17 ? 
1 A UFR 8  1_555 B DA  5  1_555 A DC  9  1_555 B DG  4  1_555 -0.320 -0.347 3.387 1.646  -3.823  40.646 -0.061 0.647  3.389 -5.486 
-2.363 40.850 8  AA_UFR8DC9:DG16DA17_BB  A 8  ? B 17 ? A 9  ? B 16 ? 
1 A DC  9  1_555 B DG  4  1_555 A DG  10 1_555 B DC  3  1_555 0.558  0.721  2.883 -2.998 5.404   26.768 0.330  -1.835 2.891 11.479 
6.367  27.459 9  AA_DC9DG10:DC15DG16_BB  A 9  ? B 16 ? A 10 ? B 15 ? 
1 A DG  10 1_555 B DC  3  1_555 A DC  11 1_555 B DG  2  1_555 -1.170 0.501  3.545 -2.829 -12.633 42.509 1.927  1.267  3.340 
-16.958 3.797  44.349 10 AA_DG10DC11:DG14DC15_BB A 10 ? B 15 ? A 11 ? B 14 ? 
1 A DC  11 1_555 B DG  2  1_555 A DG  12 1_555 B DC  1  1_555 0.389  0.315  3.136 0.049  3.378   33.990 0.022  -0.654 3.152 5.761 
-0.083 34.153 11 AA_DC11DG12:DC13DG14_BB A 11 ? B 14 ? A 12 ? B 13 ? 
# 
loop_
_pdbx_entity_nonpoly.entity_id 
_pdbx_entity_nonpoly.name 
_pdbx_entity_nonpoly.comp_id 
2 'MAGNESIUM ION' MG  
3 water           HOH 
# 
_pdbx_initial_refinement_model.id               1 
_pdbx_initial_refinement_model.entity_id_list   ? 
_pdbx_initial_refinement_model.type             'experimental model' 
_pdbx_initial_refinement_model.source_name      PDB 
_pdbx_initial_refinement_model.accession_code   355D 
_pdbx_initial_refinement_model.details          'PDB ENTRY 355D' 
# 
